data_8ZQW
#
_entry.id   8ZQW
#
_cell.length_a   57.767
_cell.length_b   80.220
_cell.length_c   162.931
_cell.angle_alpha   90.000
_cell.angle_beta   90.000
_cell.angle_gamma   90.000
#
_symmetry.space_group_name_H-M   'P 21 21 21'
#
loop_
_entity.id
_entity.type
_entity.pdbx_description
1 polymer "3',5'-cyclic-AMP phosphodiesterase 4D"
2 non-polymer 'ZINC ION'
3 non-polymer 'MAGNESIUM ION'
4 non-polymer (3~{Z})-3-[[4-[bis(fluoranyl)methoxy]-3-cyclopentyloxy-phenyl]methylidene]-6-oxidanyl-1~{H}-indol-2-one
5 water water
#
_entity_poly.entity_id   1
_entity_poly.type   'polypeptide(L)'
_entity_poly.pdbx_seq_one_letter_code
;MASNKFKRMLNRELTHLSEMSRSGNQVSEFISNTFLDKQHEVEIPSPTQKEKEKKKRPMSQISGVKKLMHSSSLTNSSIP
RFGVKTEQEDVLAKELEDVNKWGLHVFRIAELSGNRPLTVIMHTIFQERDLLKTFKIPVDTLITYLMTLEDHYHADVAYH
NNIHAADVVQSTHVLLSTPALEAVFTDLEILAAIFASAIHDVDHPGVSNQFLINTNSELALMYNDSSVLENHHLAVGFKL
LQEENCDIFQNLTKKQRQSLRKMVIDIVLATDMSKHMNLLADLKTMVETKKVTSSGVLLLDNYSDRIQVLQNMVHCADLS
NPTKPLQLYRQWTDRIMEEFFRQGDRERERGMEISPMCDKHNASVEKSQVGFIDYIVHPLWETWADLVHPDAQDILDTLE
DNREWYQSTIPQSPSPAPDDPEEGRQGQTEKFQFELTLEEDGESDTEKDSGSQVEEDTSCSDSKTLCTQDSESTEIPLDE
QVEEEAVGEEEESQPEACVIDDRSPD
;
_entity_poly.pdbx_strand_id   A,B
#
# COMPACT_ATOMS: atom_id res chain seq x y z
N ASP A 90 -29.23 24.09 23.69
CA ASP A 90 -30.42 24.60 23.01
C ASP A 90 -30.10 25.08 21.61
N VAL A 91 -29.23 26.08 21.52
CA VAL A 91 -28.83 26.62 20.21
C VAL A 91 -28.12 25.55 19.40
N LEU A 92 -27.29 24.74 20.06
CA LEU A 92 -26.60 23.66 19.37
C LEU A 92 -27.58 22.62 18.85
N ALA A 93 -28.54 22.22 19.68
CA ALA A 93 -29.57 21.28 19.23
C ALA A 93 -30.37 21.85 18.07
N LYS A 94 -30.58 23.17 18.06
CA LYS A 94 -31.29 23.80 16.95
C LYS A 94 -30.50 23.70 15.66
N GLU A 95 -29.19 23.94 15.70
CA GLU A 95 -28.36 23.84 14.50
C GLU A 95 -28.24 22.39 14.04
N LEU A 96 -28.18 21.45 14.98
CA LEU A 96 -28.07 20.04 14.62
C LEU A 96 -29.33 19.49 13.97
N GLU A 97 -30.44 20.22 14.01
CA GLU A 97 -31.62 19.85 13.24
C GLU A 97 -31.38 19.97 11.73
N ASP A 98 -30.31 20.65 11.32
CA ASP A 98 -29.96 20.78 9.90
C ASP A 98 -29.05 19.66 9.41
N VAL A 99 -28.84 18.61 10.22
CA VAL A 99 -27.82 17.61 9.91
C VAL A 99 -28.13 16.85 8.61
N ASN A 100 -29.37 16.85 8.15
CA ASN A 100 -29.71 16.23 6.89
C ASN A 100 -29.62 17.18 5.70
N LYS A 101 -29.17 18.40 5.92
CA LYS A 101 -29.20 19.44 4.89
C LYS A 101 -27.79 19.75 4.42
N TRP A 102 -27.61 19.78 3.09
CA TRP A 102 -26.41 20.35 2.49
C TRP A 102 -26.25 21.79 2.95
N GLY A 103 -25.04 22.16 3.33
CA GLY A 103 -24.81 23.50 3.82
C GLY A 103 -25.13 23.72 5.28
N LEU A 104 -25.28 22.65 6.05
CA LEU A 104 -25.20 22.73 7.51
C LEU A 104 -24.08 23.68 7.89
N HIS A 105 -24.31 24.53 8.88
CA HIS A 105 -23.24 25.43 9.27
C HIS A 105 -22.34 24.71 10.27
N VAL A 106 -21.32 24.04 9.72
CA VAL A 106 -20.43 23.22 10.51
C VAL A 106 -19.50 24.07 11.37
N PHE A 107 -19.20 25.29 10.92
CA PHE A 107 -18.34 26.16 11.72
C PHE A 107 -19.06 26.70 12.95
N ARG A 108 -20.34 27.04 12.80
CA ARG A 108 -21.17 27.36 13.96
C ARG A 108 -21.22 26.21 14.94
N ILE A 109 -21.48 25.00 14.44
CA ILE A 109 -21.59 23.83 15.30
C ILE A 109 -20.27 23.56 16.00
N ALA A 110 -19.14 23.85 15.35
CA ALA A 110 -17.85 23.75 16.02
C ALA A 110 -17.79 24.67 17.22
N GLU A 111 -18.19 25.93 17.04
CA GLU A 111 -18.20 26.87 18.15
C GLU A 111 -19.19 26.46 19.23
N LEU A 112 -20.43 26.17 18.83
CA LEU A 112 -21.47 25.86 19.80
C LEU A 112 -21.22 24.57 20.57
N SER A 113 -20.39 23.68 20.04
CA SER A 113 -20.12 22.39 20.67
C SER A 113 -18.84 22.39 21.48
N GLY A 114 -18.19 23.54 21.66
CA GLY A 114 -16.92 23.58 22.36
C GLY A 114 -15.83 22.88 21.57
N ASN A 115 -15.72 23.23 20.29
CA ASN A 115 -14.78 22.60 19.36
C ASN A 115 -14.90 21.09 19.40
N ARG A 116 -16.15 20.61 19.37
CA ARG A 116 -16.41 19.17 19.19
C ARG A 116 -17.41 18.94 18.05
N PRO A 117 -17.15 19.49 16.85
CA PRO A 117 -18.09 19.23 15.75
C PRO A 117 -18.13 17.77 15.34
N LEU A 118 -16.99 17.09 15.35
CA LEU A 118 -16.96 15.69 14.93
C LEU A 118 -17.74 14.80 15.89
N THR A 119 -17.58 15.02 17.19
CA THR A 119 -18.26 14.19 18.17
C THR A 119 -19.78 14.38 18.11
N VAL A 120 -20.24 15.63 18.09
CA VAL A 120 -21.68 15.86 18.14
C VAL A 120 -22.35 15.53 16.81
N ILE A 121 -21.67 15.75 15.69
CA ILE A 121 -22.28 15.45 14.40
C ILE A 121 -22.34 13.94 14.17
N MET A 122 -21.26 13.22 14.50
CA MET A 122 -21.30 11.77 14.43
C MET A 122 -22.37 11.20 15.35
N HIS A 123 -22.43 11.70 16.59
CA HIS A 123 -23.43 11.23 17.53
C HIS A 123 -24.84 11.46 17.00
N THR A 124 -25.09 12.67 16.48
CA THR A 124 -26.41 12.97 15.92
C THR A 124 -26.74 12.04 14.76
N ILE A 125 -25.77 11.78 13.88
CA ILE A 125 -26.02 10.96 12.71
C ILE A 125 -26.26 9.51 13.10
N PHE A 126 -25.51 9.01 14.09
CA PHE A 126 -25.72 7.64 14.55
C PHE A 126 -27.12 7.48 15.15
N GLN A 127 -27.56 8.45 15.95
CA GLN A 127 -28.92 8.44 16.45
C GLN A 127 -29.93 8.50 15.31
N GLU A 128 -29.68 9.39 14.35
CA GLU A 128 -30.61 9.57 13.23
C GLU A 128 -30.81 8.28 12.45
N ARG A 129 -29.71 7.61 12.12
CA ARG A 129 -29.77 6.36 11.36
C ARG A 129 -29.99 5.14 12.24
N ASP A 130 -30.24 5.35 13.55
CA ASP A 130 -30.54 4.26 14.47
C ASP A 130 -29.40 3.25 14.56
N LEU A 131 -28.16 3.73 14.42
CA LEU A 131 -27.01 2.85 14.32
C LEU A 131 -26.59 2.27 15.66
N LEU A 132 -26.86 2.96 16.77
CA LEU A 132 -26.52 2.42 18.08
C LEU A 132 -27.33 1.16 18.37
N LYS A 133 -28.60 1.15 17.97
CA LYS A 133 -29.43 -0.03 18.19
C LYS A 133 -29.08 -1.15 17.21
N THR A 134 -28.91 -0.80 15.93
CA THR A 134 -28.64 -1.82 14.92
C THR A 134 -27.36 -2.59 15.23
N PHE A 135 -26.34 -1.90 15.74
CA PHE A 135 -25.05 -2.52 15.98
C PHE A 135 -24.71 -2.59 17.46
N LYS A 136 -25.70 -2.39 18.34
CA LYS A 136 -25.53 -2.55 19.79
C LYS A 136 -24.31 -1.80 20.29
N ILE A 137 -24.15 -0.56 19.81
CA ILE A 137 -23.06 0.32 20.22
C ILE A 137 -23.45 1.01 21.51
N PRO A 138 -22.74 0.78 22.61
CA PRO A 138 -23.02 1.53 23.84
C PRO A 138 -22.73 3.01 23.63
N VAL A 139 -23.64 3.85 24.10
CA VAL A 139 -23.54 5.29 23.84
C VAL A 139 -22.27 5.86 24.47
N ASP A 140 -21.89 5.35 25.65
CA ASP A 140 -20.69 5.85 26.31
C ASP A 140 -19.44 5.42 25.57
N THR A 141 -19.44 4.24 24.98
CA THR A 141 -18.33 3.82 24.12
C THR A 141 -18.24 4.70 22.88
N LEU A 142 -19.39 4.97 22.25
CA LEU A 142 -19.39 5.84 21.07
C LEU A 142 -18.81 7.21 21.39
N ILE A 143 -19.29 7.84 22.47
CA ILE A 143 -18.81 9.16 22.84
C ILE A 143 -17.32 9.13 23.16
N THR A 144 -16.88 8.09 23.89
CA THR A 144 -15.47 8.00 24.27
C THR A 144 -14.58 7.88 23.04
N TYR A 145 -14.96 7.04 22.08
CA TYR A 145 -14.15 6.90 20.86
C TYR A 145 -14.14 8.19 20.05
N LEU A 146 -15.31 8.80 19.87
CA LEU A 146 -15.39 10.00 19.04
C LEU A 146 -14.54 11.12 19.61
N MET A 147 -14.51 11.27 20.93
CA MET A 147 -13.70 12.32 21.54
C MET A 147 -12.21 12.01 21.40
N THR A 148 -11.83 10.74 21.59
CA THR A 148 -10.44 10.35 21.36
C THR A 148 -10.05 10.54 19.90
N LEU A 149 -10.94 10.14 18.99
CA LEU A 149 -10.68 10.35 17.56
C LEU A 149 -10.56 11.83 17.24
N GLU A 150 -11.47 12.64 17.77
CA GLU A 150 -11.41 14.08 17.53
C GLU A 150 -10.13 14.68 18.10
N ASP A 151 -9.70 14.22 19.28
CA ASP A 151 -8.46 14.70 19.86
C ASP A 151 -7.28 14.53 18.92
N HIS A 152 -7.27 13.46 18.13
CA HIS A 152 -6.11 13.16 17.30
C HIS A 152 -6.14 13.88 15.96
N TYR A 153 -7.17 14.66 15.68
CA TYR A 153 -7.04 15.71 14.68
C TYR A 153 -6.32 16.90 15.29
N HIS A 154 -5.52 17.58 14.47
CA HIS A 154 -4.65 18.64 14.95
C HIS A 154 -5.42 19.95 14.99
N ALA A 155 -5.58 20.52 16.19
CA ALA A 155 -6.26 21.79 16.33
C ALA A 155 -5.47 22.96 15.77
N ASP A 156 -4.17 22.79 15.50
CA ASP A 156 -3.34 23.86 14.97
C ASP A 156 -3.10 23.70 13.46
N VAL A 157 -3.88 22.86 12.79
CA VAL A 157 -3.87 22.75 11.34
C VAL A 157 -5.10 23.46 10.80
N ALA A 158 -4.91 24.31 9.79
CA ALA A 158 -5.95 25.26 9.41
C ALA A 158 -7.13 24.57 8.72
N TYR A 159 -6.86 23.60 7.84
CA TYR A 159 -7.91 22.94 7.08
C TYR A 159 -8.14 21.51 7.54
N HIS A 160 -7.11 20.66 7.53
CA HIS A 160 -7.28 19.24 7.79
C HIS A 160 -7.37 18.96 9.30
N ASN A 161 -8.44 19.47 9.89
CA ASN A 161 -8.70 19.36 11.32
C ASN A 161 -10.03 18.66 11.54
N ASN A 162 -10.51 18.72 12.79
CA ASN A 162 -11.75 18.03 13.15
C ASN A 162 -12.96 18.64 12.46
N ILE A 163 -12.88 19.92 12.09
CA ILE A 163 -14.00 20.54 11.38
C ILE A 163 -14.15 19.94 9.99
N HIS A 164 -13.03 19.78 9.28
CA HIS A 164 -13.07 19.11 7.98
C HIS A 164 -13.60 17.69 8.10
N ALA A 165 -13.18 16.97 9.13
CA ALA A 165 -13.66 15.60 9.35
C ALA A 165 -15.17 15.60 9.58
N ALA A 166 -15.65 16.50 10.44
CA ALA A 166 -17.09 16.59 10.68
C ALA A 166 -17.84 16.99 9.42
N ASP A 167 -17.26 17.87 8.62
CA ASP A 167 -17.89 18.29 7.37
C ASP A 167 -18.03 17.12 6.41
N VAL A 168 -16.99 16.30 6.29
CA VAL A 168 -17.02 15.17 5.36
C VAL A 168 -17.98 14.09 5.86
N VAL A 169 -18.01 13.88 7.18
CA VAL A 169 -18.99 12.96 7.76
C VAL A 169 -20.40 13.38 7.38
N GLN A 170 -20.73 14.64 7.64
CA GLN A 170 -22.09 15.11 7.40
C GLN A 170 -22.42 15.15 5.91
N SER A 171 -21.45 15.53 5.08
CA SER A 171 -21.68 15.54 3.64
C SER A 171 -21.90 14.13 3.10
N THR A 172 -21.12 13.17 3.60
CA THR A 172 -21.35 11.78 3.24
C THR A 172 -22.73 11.31 3.72
N HIS A 173 -23.13 11.74 4.92
CA HIS A 173 -24.44 11.39 5.45
C HIS A 173 -25.56 11.85 4.51
N VAL A 174 -25.43 13.05 3.96
CA VAL A 174 -26.46 13.56 3.04
C VAL A 174 -26.42 12.78 1.73
N LEU A 175 -25.23 12.51 1.21
CA LEU A 175 -25.11 11.79 -0.06
C LEU A 175 -25.66 10.37 0.06
N LEU A 176 -25.55 9.75 1.24
CA LEU A 176 -26.10 8.41 1.43
C LEU A 176 -27.62 8.42 1.36
N SER A 177 -28.25 9.55 1.68
CA SER A 177 -29.70 9.64 1.72
C SER A 177 -30.32 10.00 0.36
N THR A 178 -29.52 10.08 -0.69
CA THR A 178 -30.03 10.53 -1.96
C THR A 178 -31.04 9.51 -2.51
N PRO A 179 -32.13 9.96 -3.14
CA PRO A 179 -33.19 9.02 -3.54
C PRO A 179 -32.71 7.90 -4.46
N ALA A 180 -31.75 8.19 -5.35
CA ALA A 180 -31.26 7.18 -6.28
C ALA A 180 -30.51 6.06 -5.58
N LEU A 181 -30.23 6.17 -4.28
CA LEU A 181 -29.54 5.13 -3.53
C LEU A 181 -30.38 4.56 -2.40
N GLU A 182 -31.69 4.84 -2.37
CA GLU A 182 -32.51 4.40 -1.25
C GLU A 182 -32.52 2.87 -1.17
N ALA A 183 -32.20 2.35 0.02
CA ALA A 183 -32.19 0.91 0.29
C ALA A 183 -31.20 0.16 -0.59
N VAL A 184 -30.17 0.86 -1.10
CA VAL A 184 -29.12 0.18 -1.86
C VAL A 184 -28.12 -0.46 -0.92
N PHE A 185 -27.64 0.30 0.06
CA PHE A 185 -26.53 -0.11 0.89
C PHE A 185 -27.03 -0.69 2.21
N THR A 186 -26.37 -1.74 2.67
CA THR A 186 -26.67 -2.32 3.97
C THR A 186 -26.31 -1.34 5.08
N ASP A 187 -26.83 -1.61 6.28
CA ASP A 187 -26.45 -0.81 7.44
C ASP A 187 -24.96 -0.90 7.71
N LEU A 188 -24.33 -2.04 7.38
CA LEU A 188 -22.90 -2.18 7.59
C LEU A 188 -22.12 -1.31 6.61
N GLU A 189 -22.56 -1.25 5.35
CA GLU A 189 -21.92 -0.37 4.38
C GLU A 189 -22.14 1.10 4.74
N ILE A 190 -23.35 1.44 5.20
CA ILE A 190 -23.60 2.79 5.69
C ILE A 190 -22.69 3.11 6.87
N LEU A 191 -22.52 2.15 7.78
CA LEU A 191 -21.62 2.34 8.90
C LEU A 191 -20.18 2.50 8.43
N ALA A 192 -19.76 1.71 7.44
CA ALA A 192 -18.40 1.80 6.93
C ALA A 192 -18.13 3.18 6.33
N ALA A 193 -19.06 3.68 5.51
CA ALA A 193 -18.84 4.94 4.82
C ALA A 193 -18.77 6.11 5.81
N ILE A 194 -19.65 6.13 6.80
CA ILE A 194 -19.64 7.21 7.78
C ILE A 194 -18.39 7.12 8.65
N PHE A 195 -18.04 5.91 9.09
CA PHE A 195 -16.84 5.74 9.90
C PHE A 195 -15.60 6.12 9.12
N ALA A 196 -15.50 5.67 7.86
CA ALA A 196 -14.38 6.04 7.02
C ALA A 196 -14.26 7.56 6.91
N SER A 197 -15.40 8.24 6.73
CA SER A 197 -15.40 9.70 6.65
C SER A 197 -14.84 10.32 7.93
N ALA A 198 -15.14 9.72 9.08
CA ALA A 198 -14.74 10.31 10.36
C ALA A 198 -13.24 10.22 10.57
N ILE A 199 -12.62 9.09 10.18
CA ILE A 199 -11.20 8.89 10.42
C ILE A 199 -10.33 9.28 9.22
N HIS A 200 -10.94 9.71 8.11
CA HIS A 200 -10.24 9.71 6.84
C HIS A 200 -9.04 10.66 6.79
N ASP A 201 -8.97 11.65 7.70
CA ASP A 201 -7.84 12.57 7.72
C ASP A 201 -7.22 12.68 9.10
N VAL A 202 -7.43 11.70 9.98
CA VAL A 202 -7.02 11.84 11.37
C VAL A 202 -5.50 11.92 11.47
N ASP A 203 -5.01 12.75 12.39
CA ASP A 203 -3.59 13.00 12.61
C ASP A 203 -2.91 13.55 11.36
N HIS A 204 -3.65 14.30 10.55
CA HIS A 204 -3.07 14.96 9.40
C HIS A 204 -2.16 16.09 9.86
N PRO A 205 -0.90 16.11 9.45
CA PRO A 205 0.02 17.17 9.91
C PRO A 205 -0.07 18.46 9.12
N GLY A 206 -0.93 18.55 8.13
CA GLY A 206 -1.07 19.79 7.37
C GLY A 206 -0.10 19.96 6.23
N VAL A 207 0.57 18.89 5.81
CA VAL A 207 1.41 18.90 4.62
C VAL A 207 1.04 17.72 3.74
N SER A 208 1.45 17.79 2.48
CA SER A 208 1.03 16.84 1.48
C SER A 208 1.90 15.57 1.51
N ASN A 209 1.44 14.54 0.81
CA ASN A 209 2.23 13.32 0.65
C ASN A 209 3.59 13.64 0.03
N GLN A 210 3.60 14.43 -1.04
CA GLN A 210 4.85 14.72 -1.75
C GLN A 210 5.84 15.44 -0.83
N PHE A 211 5.34 16.35 0.02
CA PHE A 211 6.21 17.01 0.99
C PHE A 211 6.80 16.00 1.97
N LEU A 212 5.96 15.10 2.49
CA LEU A 212 6.45 14.07 3.39
C LEU A 212 7.45 13.15 2.69
N ILE A 213 7.26 12.91 1.39
CA ILE A 213 8.21 12.12 0.62
C ILE A 213 9.51 12.90 0.44
N ASN A 214 9.42 14.19 0.09
CA ASN A 214 10.61 14.97 -0.24
C ASN A 214 11.42 15.34 0.98
N THR A 215 10.80 15.40 2.16
CA THR A 215 11.53 15.70 3.39
C THR A 215 11.99 14.45 4.12
N ASN A 216 11.87 13.28 3.48
CA ASN A 216 12.31 12.01 4.04
C ASN A 216 11.71 11.78 5.42
N SER A 217 10.41 12.05 5.53
CA SER A 217 9.71 11.95 6.79
C SER A 217 9.65 10.51 7.28
N GLU A 218 9.48 10.35 8.58
CA GLU A 218 9.26 9.04 9.15
C GLU A 218 8.01 8.39 8.57
N LEU A 219 7.00 9.19 8.24
CA LEU A 219 5.77 8.66 7.66
C LEU A 219 6.02 8.07 6.28
N ALA A 220 6.69 8.83 5.40
CA ALA A 220 7.01 8.31 4.07
C ALA A 220 7.93 7.10 4.16
N LEU A 221 8.84 7.09 5.14
CA LEU A 221 9.70 5.93 5.35
C LEU A 221 8.88 4.71 5.73
N MET A 222 7.90 4.88 6.62
CA MET A 222 7.09 3.76 7.07
C MET A 222 6.25 3.18 5.93
N TYR A 223 5.68 4.04 5.10
CA TYR A 223 4.69 3.63 4.12
C TYR A 223 5.22 3.61 2.69
N ASN A 224 6.54 3.69 2.51
CA ASN A 224 7.19 3.47 1.22
C ASN A 224 6.59 4.35 0.12
N ASP A 225 6.33 5.61 0.47
CA ASP A 225 5.96 6.68 -0.45
C ASP A 225 4.59 6.50 -1.11
N SER A 226 3.80 5.51 -0.69
CA SER A 226 2.53 5.20 -1.33
C SER A 226 1.38 5.50 -0.38
N SER A 227 0.54 6.47 -0.75
CA SER A 227 -0.61 6.89 0.06
C SER A 227 -0.22 7.04 1.53
N VAL A 228 0.86 7.79 1.74
CA VAL A 228 1.49 7.87 3.06
C VAL A 228 0.49 8.35 4.11
N LEU A 229 -0.15 9.49 3.83
CA LEU A 229 -1.12 10.04 4.78
C LEU A 229 -2.30 9.09 4.97
N GLU A 230 -2.85 8.59 3.86
CA GLU A 230 -4.10 7.83 3.92
C GLU A 230 -3.91 6.52 4.66
N ASN A 231 -2.77 5.84 4.45
CA ASN A 231 -2.46 4.67 5.26
C ASN A 231 -2.33 5.04 6.73
N HIS A 232 -1.74 6.21 7.01
CA HIS A 232 -1.58 6.62 8.40
C HIS A 232 -2.92 6.92 9.06
N HIS A 233 -3.80 7.65 8.35
CA HIS A 233 -5.13 7.94 8.88
C HIS A 233 -5.84 6.65 9.28
N LEU A 234 -5.78 5.64 8.41
CA LEU A 234 -6.43 4.36 8.71
C LEU A 234 -5.81 3.70 9.93
N ALA A 235 -4.48 3.65 9.98
CA ALA A 235 -3.80 3.00 11.11
C ALA A 235 -4.17 3.67 12.43
N VAL A 236 -4.29 4.99 12.43
CA VAL A 236 -4.66 5.70 13.66
C VAL A 236 -6.13 5.45 13.99
N GLY A 237 -7.00 5.57 13.00
CA GLY A 237 -8.43 5.42 13.26
C GLY A 237 -8.80 4.05 13.79
N PHE A 238 -8.17 3.00 13.25
CA PHE A 238 -8.42 1.65 13.75
C PHE A 238 -7.76 1.42 15.10
N LYS A 239 -6.56 1.98 15.30
CA LYS A 239 -5.81 1.74 16.53
C LYS A 239 -6.53 2.34 17.74
N LEU A 240 -7.17 3.49 17.57
CA LEU A 240 -7.85 4.14 18.69
C LEU A 240 -9.06 3.33 19.17
N LEU A 241 -9.58 2.43 18.35
CA LEU A 241 -10.64 1.53 18.80
C LEU A 241 -10.20 0.65 19.96
N GLN A 242 -8.89 0.49 20.14
CA GLN A 242 -8.35 -0.40 21.17
C GLN A 242 -8.05 0.31 22.47
N GLU A 243 -8.30 1.62 22.57
CA GLU A 243 -8.15 2.33 23.82
C GLU A 243 -9.32 2.00 24.75
N GLU A 244 -9.22 2.46 25.99
CA GLU A 244 -10.16 2.07 27.03
C GLU A 244 -11.59 2.49 26.67
N ASN A 245 -12.48 1.51 26.59
CA ASN A 245 -13.89 1.72 26.26
C ASN A 245 -14.06 2.50 24.96
N CYS A 246 -13.32 2.07 23.94
CA CYS A 246 -13.34 2.75 22.65
C CYS A 246 -13.76 1.86 21.49
N ASP A 247 -13.94 0.55 21.69
CA ASP A 247 -14.29 -0.33 20.57
C ASP A 247 -15.79 -0.22 20.32
N ILE A 248 -16.16 0.73 19.45
CA ILE A 248 -17.56 0.89 19.07
C ILE A 248 -18.08 -0.25 18.20
N PHE A 249 -17.19 -1.13 17.74
CA PHE A 249 -17.58 -2.30 16.94
C PHE A 249 -17.58 -3.58 17.77
N GLN A 250 -17.66 -3.47 19.10
CA GLN A 250 -17.45 -4.61 19.98
C GLN A 250 -18.55 -5.66 19.86
N ASN A 251 -19.72 -5.31 19.34
CA ASN A 251 -20.83 -6.26 19.25
C ASN A 251 -21.15 -6.65 17.81
N LEU A 252 -20.29 -6.29 16.85
CA LEU A 252 -20.41 -6.83 15.52
C LEU A 252 -19.87 -8.26 15.50
N THR A 253 -20.42 -9.07 14.60
CA THR A 253 -19.87 -10.39 14.38
C THR A 253 -18.47 -10.28 13.80
N LYS A 254 -17.72 -11.37 13.87
CA LYS A 254 -16.39 -11.40 13.25
C LYS A 254 -16.47 -11.06 11.76
N LYS A 255 -17.47 -11.60 11.07
CA LYS A 255 -17.59 -11.35 9.63
C LYS A 255 -17.97 -9.91 9.36
N GLN A 256 -18.83 -9.32 10.20
CA GLN A 256 -19.15 -7.90 10.05
C GLN A 256 -17.92 -7.03 10.23
N ARG A 257 -17.07 -7.38 11.22
CA ARG A 257 -15.88 -6.57 11.48
C ARG A 257 -14.86 -6.73 10.35
N GLN A 258 -14.65 -7.96 9.87
CA GLN A 258 -13.82 -8.18 8.68
C GLN A 258 -14.30 -7.34 7.52
N SER A 259 -15.59 -7.47 7.18
CA SER A 259 -16.14 -6.76 6.02
C SER A 259 -16.06 -5.26 6.19
N LEU A 260 -16.37 -4.75 7.38
CA LEU A 260 -16.29 -3.31 7.61
C LEU A 260 -14.86 -2.82 7.49
N ARG A 261 -13.91 -3.54 8.09
CA ARG A 261 -12.52 -3.11 8.05
C ARG A 261 -12.02 -2.98 6.63
N LYS A 262 -12.32 -3.97 5.78
CA LYS A 262 -11.87 -3.91 4.40
C LYS A 262 -12.53 -2.76 3.65
N MET A 263 -13.84 -2.57 3.85
CA MET A 263 -14.53 -1.47 3.17
C MET A 263 -13.99 -0.12 3.60
N VAL A 264 -13.70 0.04 4.89
CA VAL A 264 -13.16 1.31 5.38
C VAL A 264 -11.78 1.57 4.79
N ILE A 265 -10.96 0.52 4.70
CA ILE A 265 -9.64 0.66 4.08
C ILE A 265 -9.78 1.04 2.62
N ASP A 266 -10.63 0.33 1.88
CA ASP A 266 -10.84 0.64 0.47
C ASP A 266 -11.30 2.07 0.27
N ILE A 267 -12.15 2.57 1.17
CA ILE A 267 -12.72 3.91 0.99
C ILE A 267 -11.68 4.98 1.28
N VAL A 268 -10.98 4.87 2.41
CA VAL A 268 -10.05 5.93 2.81
C VAL A 268 -8.87 6.00 1.85
N LEU A 269 -8.37 4.85 1.39
CA LEU A 269 -7.28 4.85 0.42
C LEU A 269 -7.68 5.55 -0.87
N ALA A 270 -8.98 5.53 -1.19
CA ALA A 270 -9.48 6.20 -2.39
C ALA A 270 -9.56 7.72 -2.24
N THR A 271 -9.33 8.26 -1.03
CA THR A 271 -9.29 9.70 -0.87
C THR A 271 -7.94 10.30 -1.28
N ASP A 272 -6.93 9.47 -1.52
CA ASP A 272 -5.68 9.96 -2.08
C ASP A 272 -5.95 10.57 -3.44
N MET A 273 -5.67 11.88 -3.57
CA MET A 273 -5.97 12.58 -4.81
C MET A 273 -5.14 12.07 -5.99
N SER A 274 -4.00 11.43 -5.74
CA SER A 274 -3.25 10.83 -6.82
C SER A 274 -4.00 9.69 -7.50
N LYS A 275 -5.10 9.22 -6.90
CA LYS A 275 -5.96 8.21 -7.50
C LYS A 275 -7.22 8.81 -8.12
N HIS A 276 -7.33 10.14 -8.14
CA HIS A 276 -8.57 10.78 -8.58
C HIS A 276 -8.86 10.51 -10.05
N MET A 277 -7.85 10.62 -10.91
CA MET A 277 -8.06 10.43 -12.35
C MET A 277 -8.62 9.05 -12.63
N ASN A 278 -8.04 8.00 -12.03
CA ASN A 278 -8.53 6.64 -12.27
C ASN A 278 -9.89 6.43 -11.65
N LEU A 279 -10.11 6.97 -10.44
CA LEU A 279 -11.41 6.81 -9.78
C LEU A 279 -12.51 7.49 -10.58
N LEU A 280 -12.23 8.67 -11.13
CA LEU A 280 -13.22 9.35 -11.96
C LEU A 280 -13.45 8.62 -13.27
N ALA A 281 -12.38 8.09 -13.87
CA ALA A 281 -12.52 7.31 -15.09
C ALA A 281 -13.44 6.11 -14.87
N ASP A 282 -13.29 5.43 -13.73
CA ASP A 282 -14.16 4.30 -13.42
C ASP A 282 -15.58 4.75 -13.14
N LEU A 283 -15.75 5.89 -12.46
CA LEU A 283 -17.09 6.41 -12.21
C LEU A 283 -17.79 6.76 -13.51
N LYS A 284 -17.07 7.37 -14.45
CA LYS A 284 -17.63 7.66 -15.76
C LYS A 284 -18.11 6.38 -16.44
N THR A 285 -17.25 5.36 -16.47
CA THR A 285 -17.63 4.08 -17.06
C THR A 285 -18.92 3.54 -16.45
N MET A 286 -19.04 3.62 -15.12
CA MET A 286 -20.25 3.14 -14.46
C MET A 286 -21.47 3.94 -14.89
N VAL A 287 -21.35 5.26 -14.99
CA VAL A 287 -22.47 6.08 -15.42
C VAL A 287 -22.89 5.72 -16.83
N GLU A 288 -21.92 5.54 -17.73
CA GLU A 288 -22.21 5.19 -19.11
C GLU A 288 -22.93 3.85 -19.22
N THR A 289 -22.69 2.94 -18.28
CA THR A 289 -23.25 1.59 -18.32
C THR A 289 -24.16 1.31 -17.13
N LYS A 290 -24.72 2.35 -16.50
CA LYS A 290 -25.39 2.16 -15.23
C LYS A 290 -26.72 1.45 -15.41
N LYS A 291 -27.13 0.74 -14.35
CA LYS A 291 -28.37 -0.02 -14.31
C LYS A 291 -29.20 0.46 -13.13
N VAL A 292 -30.51 0.50 -13.31
CA VAL A 292 -31.43 0.89 -12.24
C VAL A 292 -32.45 -0.23 -12.07
N THR A 293 -33.00 -0.32 -10.85
CA THR A 293 -33.96 -1.37 -10.55
C THR A 293 -35.36 -0.94 -10.98
N SER A 294 -36.32 -1.83 -10.77
CA SER A 294 -37.71 -1.51 -11.09
C SER A 294 -38.24 -0.38 -10.21
N SER A 295 -37.68 -0.21 -9.01
CA SER A 295 -38.03 0.92 -8.16
C SER A 295 -37.32 2.20 -8.59
N GLY A 296 -36.57 2.17 -9.69
CA GLY A 296 -35.84 3.33 -10.17
C GLY A 296 -34.51 3.58 -9.51
N VAL A 297 -34.08 2.69 -8.64
CA VAL A 297 -32.92 2.90 -7.78
C VAL A 297 -31.70 2.20 -8.37
N LEU A 298 -30.52 2.73 -8.07
CA LEU A 298 -29.27 2.23 -8.64
C LEU A 298 -29.05 0.76 -8.28
N LEU A 299 -28.66 -0.03 -9.29
CA LEU A 299 -28.43 -1.47 -9.13
C LEU A 299 -26.95 -1.75 -9.01
N LEU A 300 -26.54 -2.30 -7.85
CA LEU A 300 -25.14 -2.63 -7.57
C LEU A 300 -25.10 -4.04 -6.99
N ASP A 301 -24.77 -5.03 -7.83
CA ASP A 301 -24.89 -6.44 -7.46
C ASP A 301 -23.54 -7.13 -7.26
N ASN A 302 -22.47 -6.37 -7.03
CA ASN A 302 -21.18 -6.97 -6.72
C ASN A 302 -20.36 -5.98 -5.91
N TYR A 303 -19.42 -6.52 -5.13
CA TYR A 303 -18.63 -5.67 -4.24
C TYR A 303 -17.90 -4.57 -5.00
N SER A 304 -17.33 -4.91 -6.17
CA SER A 304 -16.53 -3.94 -6.91
C SER A 304 -17.34 -2.71 -7.28
N ASP A 305 -18.59 -2.89 -7.68
CA ASP A 305 -19.44 -1.74 -8.01
C ASP A 305 -19.87 -0.99 -6.76
N ARG A 306 -20.20 -1.73 -5.69
CA ARG A 306 -20.69 -1.10 -4.48
C ARG A 306 -19.58 -0.29 -3.79
N ILE A 307 -18.39 -0.88 -3.67
CA ILE A 307 -17.31 -0.16 -3.01
C ILE A 307 -16.85 1.02 -3.86
N GLN A 308 -16.98 0.92 -5.19
CA GLN A 308 -16.60 2.02 -6.06
C GLN A 308 -17.51 3.22 -5.86
N VAL A 309 -18.81 2.98 -5.66
CA VAL A 309 -19.74 4.07 -5.38
C VAL A 309 -19.44 4.70 -4.04
N LEU A 310 -19.19 3.88 -3.01
CA LEU A 310 -18.85 4.41 -1.70
C LEU A 310 -17.52 5.14 -1.73
N GLN A 311 -16.57 4.65 -2.52
CA GLN A 311 -15.29 5.34 -2.67
C GLN A 311 -15.49 6.74 -3.26
N ASN A 312 -16.21 6.82 -4.38
CA ASN A 312 -16.44 8.12 -5.00
C ASN A 312 -17.34 9.02 -4.17
N MET A 313 -18.25 8.44 -3.40
CA MET A 313 -19.12 9.25 -2.54
C MET A 313 -18.30 10.00 -1.50
N VAL A 314 -17.44 9.28 -0.77
CA VAL A 314 -16.60 9.93 0.23
C VAL A 314 -15.58 10.85 -0.44
N HIS A 315 -15.09 10.47 -1.63
CA HIS A 315 -14.24 11.36 -2.41
C HIS A 315 -14.96 12.65 -2.76
N CYS A 316 -16.23 12.55 -3.16
CA CYS A 316 -17.03 13.74 -3.45
C CYS A 316 -17.23 14.57 -2.19
N ALA A 317 -17.54 13.93 -1.07
CA ALA A 317 -17.68 14.65 0.19
C ALA A 317 -16.37 15.35 0.57
N ASP A 318 -15.24 14.69 0.29
CA ASP A 318 -13.95 15.29 0.59
C ASP A 318 -13.68 16.52 -0.28
N LEU A 319 -14.22 16.54 -1.50
CA LEU A 319 -14.07 17.66 -2.43
C LEU A 319 -15.39 18.40 -2.62
N SER A 320 -16.11 18.65 -1.53
CA SER A 320 -17.43 19.26 -1.60
C SER A 320 -17.45 20.73 -1.20
N ASN A 321 -16.35 21.28 -0.69
CA ASN A 321 -16.32 22.69 -0.30
C ASN A 321 -16.84 23.62 -1.38
N PRO A 322 -16.44 23.53 -2.66
CA PRO A 322 -16.95 24.48 -3.66
C PRO A 322 -18.41 24.26 -4.03
N THR A 323 -19.05 23.19 -3.54
CA THR A 323 -20.48 22.97 -3.79
C THR A 323 -21.35 23.52 -2.68
N LYS A 324 -20.77 24.00 -1.59
CA LYS A 324 -21.49 24.50 -0.43
C LYS A 324 -21.84 25.98 -0.64
N PRO A 325 -22.81 26.49 0.12
CA PRO A 325 -23.07 27.94 0.10
C PRO A 325 -21.79 28.74 0.26
N LEU A 326 -21.74 29.89 -0.42
CA LEU A 326 -20.48 30.58 -0.65
C LEU A 326 -19.80 30.96 0.66
N GLN A 327 -20.58 31.37 1.67
CA GLN A 327 -19.95 31.80 2.93
C GLN A 327 -19.22 30.65 3.61
N LEU A 328 -19.64 29.42 3.35
CA LEU A 328 -18.89 28.26 3.83
C LEU A 328 -17.68 27.99 2.95
N TYR A 329 -17.89 28.01 1.62
CA TYR A 329 -16.82 27.76 0.66
C TYR A 329 -15.63 28.69 0.88
N ARG A 330 -15.89 29.99 1.05
CA ARG A 330 -14.79 30.95 1.14
C ARG A 330 -13.94 30.71 2.37
N GLN A 331 -14.57 30.30 3.48
CA GLN A 331 -13.82 30.02 4.69
C GLN A 331 -12.99 28.74 4.56
N TRP A 332 -13.49 27.76 3.81
CA TRP A 332 -12.66 26.60 3.48
C TRP A 332 -11.47 27.01 2.62
N THR A 333 -11.71 27.90 1.65
CA THR A 333 -10.61 28.38 0.81
C THR A 333 -9.59 29.15 1.64
N ASP A 334 -10.05 29.99 2.58
CA ASP A 334 -9.13 30.65 3.50
C ASP A 334 -8.27 29.64 4.23
N ARG A 335 -8.87 28.54 4.68
CA ARG A 335 -8.15 27.58 5.51
C ARG A 335 -7.17 26.74 4.69
N ILE A 336 -7.58 26.30 3.50
CA ILE A 336 -6.67 25.50 2.69
C ILE A 336 -5.50 26.35 2.21
N MET A 337 -5.72 27.64 1.95
CA MET A 337 -4.63 28.50 1.48
C MET A 337 -3.63 28.77 2.59
N GLU A 338 -4.12 28.94 3.83
CA GLU A 338 -3.22 29.04 4.98
C GLU A 338 -2.31 27.83 5.06
N GLU A 339 -2.90 26.63 4.97
CA GLU A 339 -2.12 25.40 5.05
C GLU A 339 -1.10 25.31 3.92
N PHE A 340 -1.51 25.66 2.69
CA PHE A 340 -0.59 25.64 1.57
C PHE A 340 0.55 26.61 1.77
N PHE A 341 0.24 27.85 2.15
CA PHE A 341 1.28 28.87 2.35
C PHE A 341 2.26 28.43 3.44
N ARG A 342 1.76 27.82 4.50
CA ARG A 342 2.65 27.37 5.57
C ARG A 342 3.52 26.19 5.13
N GLN A 343 3.01 25.33 4.25
CA GLN A 343 3.86 24.32 3.65
C GLN A 343 4.91 24.97 2.75
N GLY A 344 4.48 25.91 1.89
CA GLY A 344 5.42 26.58 1.01
C GLY A 344 6.46 27.39 1.75
N ASP A 345 6.11 27.91 2.94
CA ASP A 345 7.11 28.56 3.78
C ASP A 345 8.22 27.59 4.16
N ARG A 346 7.84 26.39 4.64
CA ARG A 346 8.83 25.40 5.02
C ARG A 346 9.59 24.86 3.82
N GLU A 347 8.96 24.81 2.65
CA GLU A 347 9.68 24.44 1.44
C GLU A 347 10.74 25.49 1.09
N ARG A 348 10.37 26.77 1.18
CA ARG A 348 11.33 27.83 0.89
C ARG A 348 12.41 27.91 1.96
N GLU A 349 12.04 27.72 3.22
CA GLU A 349 13.00 27.74 4.32
C GLU A 349 14.06 26.65 4.14
N ARG A 350 13.72 25.56 3.47
CA ARG A 350 14.59 24.39 3.38
C ARG A 350 15.27 24.27 2.02
N GLY A 351 15.15 25.27 1.15
CA GLY A 351 15.80 25.24 -0.15
C GLY A 351 15.06 24.48 -1.23
N MET A 352 13.88 23.97 -0.94
CA MET A 352 13.11 23.20 -1.91
C MET A 352 12.33 24.15 -2.82
N GLU A 353 12.03 23.66 -4.03
CA GLU A 353 11.09 24.36 -4.89
C GLU A 353 9.72 24.42 -4.20
N ILE A 354 9.08 25.57 -4.29
CA ILE A 354 7.76 25.73 -3.70
C ILE A 354 6.74 24.98 -4.55
N SER A 355 5.89 24.20 -3.89
CA SER A 355 4.83 23.51 -4.61
C SER A 355 3.88 24.52 -5.24
N PRO A 356 3.18 24.13 -6.31
CA PRO A 356 2.16 25.01 -6.88
C PRO A 356 1.19 25.50 -5.81
N MET A 357 0.87 26.80 -5.88
CA MET A 357 -0.13 27.47 -5.04
C MET A 357 0.29 27.58 -3.58
N CYS A 358 1.52 27.22 -3.23
CA CYS A 358 2.00 27.33 -1.85
C CYS A 358 2.85 28.56 -1.62
N ASP A 359 3.10 29.36 -2.65
CA ASP A 359 3.93 30.55 -2.54
C ASP A 359 3.02 31.77 -2.34
N LYS A 360 3.04 32.32 -1.13
CA LYS A 360 2.18 33.47 -0.83
C LYS A 360 2.63 34.72 -1.59
N HIS A 361 3.93 34.81 -1.91
CA HIS A 361 4.44 35.94 -2.67
C HIS A 361 4.11 35.86 -4.15
N ASN A 362 3.53 34.75 -4.60
CA ASN A 362 3.12 34.62 -5.99
C ASN A 362 1.96 33.63 -6.06
N ALA A 363 0.92 33.87 -5.27
CA ALA A 363 -0.28 33.05 -5.27
C ALA A 363 -1.40 33.78 -6.01
N SER A 364 -2.27 32.99 -6.63
CA SER A 364 -3.47 33.50 -7.29
C SER A 364 -4.62 32.67 -6.72
N VAL A 365 -5.18 33.14 -5.61
CA VAL A 365 -6.21 32.38 -4.90
C VAL A 365 -7.42 32.15 -5.79
N GLU A 366 -7.90 33.22 -6.43
CA GLU A 366 -9.15 33.14 -7.19
C GLU A 366 -8.97 32.26 -8.43
N LYS A 367 -7.89 32.48 -9.19
CA LYS A 367 -7.65 31.66 -10.37
C LYS A 367 -7.42 30.20 -10.00
N SER A 368 -6.83 29.94 -8.85
CA SER A 368 -6.60 28.56 -8.43
C SER A 368 -7.91 27.85 -8.11
N GLN A 369 -8.84 28.55 -7.44
CA GLN A 369 -10.14 27.96 -7.18
C GLN A 369 -10.90 27.67 -8.46
N VAL A 370 -10.77 28.57 -9.45
CA VAL A 370 -11.43 28.35 -10.74
C VAL A 370 -10.84 27.13 -11.43
N GLY A 371 -9.51 27.00 -11.43
CA GLY A 371 -8.89 25.83 -12.02
C GLY A 371 -9.19 24.56 -11.23
N PHE A 372 -9.24 24.67 -9.91
CA PHE A 372 -9.61 23.54 -9.06
C PHE A 372 -10.99 23.01 -9.42
N ILE A 373 -11.96 23.92 -9.60
CA ILE A 373 -13.30 23.52 -9.98
C ILE A 373 -13.30 22.96 -11.40
N ASP A 374 -12.66 23.67 -12.33
CA ASP A 374 -12.77 23.32 -13.74
C ASP A 374 -12.14 21.97 -14.05
N TYR A 375 -11.03 21.64 -13.40
CA TYR A 375 -10.28 20.43 -13.76
C TYR A 375 -10.48 19.28 -12.79
N ILE A 376 -11.02 19.52 -11.59
CA ILE A 376 -11.16 18.46 -10.60
C ILE A 376 -12.60 18.36 -10.12
N VAL A 377 -13.09 19.42 -9.48
CA VAL A 377 -14.29 19.33 -8.67
C VAL A 377 -15.53 19.20 -9.55
N HIS A 378 -15.64 20.03 -10.59
CA HIS A 378 -16.82 19.95 -11.46
C HIS A 378 -16.84 18.66 -12.27
N PRO A 379 -15.76 18.23 -12.93
CA PRO A 379 -15.80 16.91 -13.60
C PRO A 379 -16.25 15.80 -12.68
N LEU A 380 -15.79 15.81 -11.43
CA LEU A 380 -16.21 14.80 -10.46
C LEU A 380 -17.69 14.93 -10.15
N TRP A 381 -18.13 16.12 -9.74
CA TRP A 381 -19.51 16.29 -9.29
C TRP A 381 -20.50 16.21 -10.45
N GLU A 382 -20.09 16.61 -11.65
CA GLU A 382 -20.94 16.42 -12.82
C GLU A 382 -21.17 14.95 -13.08
N THR A 383 -20.14 14.12 -12.88
CA THR A 383 -20.29 12.68 -13.06
C THR A 383 -21.14 12.07 -11.97
N TRP A 384 -20.90 12.47 -10.71
CA TRP A 384 -21.75 11.98 -9.62
C TRP A 384 -23.20 12.39 -9.83
N ALA A 385 -23.43 13.62 -10.29
CA ALA A 385 -24.79 14.07 -10.56
C ALA A 385 -25.46 13.22 -11.63
N ASP A 386 -24.71 12.85 -12.67
CA ASP A 386 -25.24 11.94 -13.67
C ASP A 386 -25.63 10.60 -13.05
N LEU A 387 -24.80 10.09 -12.14
CA LEU A 387 -25.05 8.78 -11.55
C LEU A 387 -26.35 8.78 -10.76
N VAL A 388 -26.66 9.88 -10.08
CA VAL A 388 -27.82 9.96 -9.20
C VAL A 388 -28.86 10.95 -9.74
N HIS A 389 -28.80 11.25 -11.04
CA HIS A 389 -29.69 12.23 -11.67
C HIS A 389 -31.16 11.97 -11.35
N PRO A 390 -31.90 13.03 -10.95
CA PRO A 390 -31.46 14.42 -10.85
C PRO A 390 -31.16 14.86 -9.42
N ASP A 391 -30.90 13.90 -8.53
CA ASP A 391 -30.90 14.19 -7.09
C ASP A 391 -29.89 15.28 -6.73
N ALA A 392 -28.82 15.45 -7.51
CA ALA A 392 -27.73 16.34 -7.15
C ALA A 392 -27.75 17.65 -7.93
N GLN A 393 -28.88 17.99 -8.56
CA GLN A 393 -28.90 19.15 -9.45
C GLN A 393 -28.66 20.45 -8.70
N ASP A 394 -29.21 20.58 -7.49
CA ASP A 394 -29.01 21.81 -6.72
C ASP A 394 -27.56 21.95 -6.26
N ILE A 395 -26.93 20.84 -5.87
CA ILE A 395 -25.52 20.86 -5.49
C ILE A 395 -24.65 21.28 -6.67
N LEU A 396 -24.93 20.72 -7.85
CA LEU A 396 -24.19 21.08 -9.05
C LEU A 396 -24.42 22.53 -9.42
N ASP A 397 -25.65 23.03 -9.23
CA ASP A 397 -25.95 24.42 -9.54
C ASP A 397 -25.16 25.37 -8.65
N THR A 398 -25.06 25.06 -7.36
CA THR A 398 -24.27 25.90 -6.46
C THR A 398 -22.80 25.91 -6.86
N LEU A 399 -22.26 24.74 -7.21
CA LEU A 399 -20.89 24.67 -7.69
C LEU A 399 -20.65 25.59 -8.88
N GLU A 400 -21.58 25.60 -9.83
CA GLU A 400 -21.42 26.44 -11.01
C GLU A 400 -21.62 27.92 -10.68
N ASP A 401 -22.50 28.23 -9.72
CA ASP A 401 -22.61 29.60 -9.25
C ASP A 401 -21.33 30.05 -8.57
N ASN A 402 -20.80 29.23 -7.66
CA ASN A 402 -19.57 29.58 -6.96
C ASN A 402 -18.40 29.71 -7.92
N ARG A 403 -18.35 28.83 -8.93
CA ARG A 403 -17.33 28.96 -9.97
C ARG A 403 -17.44 30.31 -10.67
N GLU A 404 -18.65 30.67 -11.08
CA GLU A 404 -18.87 31.96 -11.73
C GLU A 404 -18.47 33.12 -10.82
N TRP A 405 -18.70 32.98 -9.51
CA TRP A 405 -18.38 34.07 -8.59
C TRP A 405 -16.88 34.26 -8.46
N TYR A 406 -16.14 33.20 -8.17
CA TYR A 406 -14.69 33.30 -8.10
C TYR A 406 -14.12 33.78 -9.43
N GLN A 407 -14.72 33.35 -10.54
CA GLN A 407 -14.29 33.83 -11.85
C GLN A 407 -14.47 35.33 -11.98
N SER A 408 -15.60 35.86 -11.51
CA SER A 408 -15.92 37.27 -11.66
C SER A 408 -15.02 38.17 -10.81
N THR A 409 -14.26 37.62 -9.88
CA THR A 409 -13.35 38.40 -9.04
C THR A 409 -11.96 38.52 -9.64
N ILE A 410 -11.75 38.05 -10.87
CA ILE A 410 -10.44 38.04 -11.49
C ILE A 410 -10.26 39.26 -12.38
N PRO A 411 -11.26 39.64 -13.23
CA PRO A 411 -11.06 40.90 -13.96
C PRO A 411 -10.95 42.12 -13.04
N ASP B 90 39.14 -18.89 4.88
CA ASP B 90 40.12 -19.63 4.09
C ASP B 90 39.43 -20.22 2.86
N VAL B 91 38.76 -21.35 3.08
CA VAL B 91 38.00 -22.08 2.08
C VAL B 91 36.70 -21.35 1.73
N LEU B 92 36.23 -20.46 2.62
CA LEU B 92 35.22 -19.49 2.24
C LEU B 92 35.54 -18.88 0.88
N ALA B 93 36.82 -18.51 0.68
CA ALA B 93 37.25 -17.94 -0.59
C ALA B 93 36.97 -18.88 -1.76
N LYS B 94 37.24 -20.17 -1.60
CA LYS B 94 37.02 -21.11 -2.71
C LYS B 94 35.52 -21.24 -3.01
N GLU B 95 34.70 -21.41 -1.97
CA GLU B 95 33.26 -21.53 -2.19
C GLU B 95 32.71 -20.31 -2.94
N LEU B 96 33.21 -19.12 -2.60
CA LEU B 96 32.71 -17.91 -3.22
C LEU B 96 33.04 -17.82 -4.70
N GLU B 97 34.07 -18.53 -5.18
CA GLU B 97 34.45 -18.48 -6.59
C GLU B 97 33.36 -18.97 -7.52
N ASP B 98 32.32 -19.60 -6.98
CA ASP B 98 31.18 -20.05 -7.77
C ASP B 98 29.98 -19.11 -7.63
N VAL B 99 30.23 -17.84 -7.27
CA VAL B 99 29.19 -16.86 -7.04
C VAL B 99 28.31 -16.64 -8.26
N ASN B 100 28.79 -17.00 -9.45
CA ASN B 100 28.04 -16.81 -10.68
C ASN B 100 27.29 -18.04 -11.13
N LYS B 101 27.25 -19.10 -10.31
CA LYS B 101 26.66 -20.35 -10.75
C LYS B 101 25.42 -20.72 -9.94
N TRP B 102 24.40 -21.17 -10.66
CA TRP B 102 23.22 -21.77 -10.07
C TRP B 102 23.63 -22.98 -9.24
N GLY B 103 23.35 -22.94 -7.95
CA GLY B 103 23.73 -24.01 -7.06
C GLY B 103 24.90 -23.74 -6.16
N LEU B 104 25.23 -22.46 -5.93
CA LEU B 104 26.17 -22.06 -4.89
C LEU B 104 25.87 -22.79 -3.59
N HIS B 105 26.91 -23.22 -2.90
CA HIS B 105 26.76 -23.90 -1.61
C HIS B 105 26.53 -22.85 -0.52
N VAL B 106 25.32 -22.28 -0.55
CA VAL B 106 25.01 -21.16 0.33
C VAL B 106 25.04 -21.59 1.80
N PHE B 107 24.63 -22.83 2.08
CA PHE B 107 24.62 -23.30 3.46
C PHE B 107 26.04 -23.48 4.00
N ARG B 108 26.95 -24.01 3.16
CA ARG B 108 28.36 -24.04 3.53
C ARG B 108 28.88 -22.62 3.77
N ILE B 109 28.62 -21.72 2.83
CA ILE B 109 29.09 -20.34 2.94
C ILE B 109 28.58 -19.69 4.22
N ALA B 110 27.35 -20.04 4.63
CA ALA B 110 26.83 -19.57 5.90
C ALA B 110 27.64 -20.13 7.06
N GLU B 111 27.92 -21.43 7.04
CA GLU B 111 28.74 -22.05 8.08
C GLU B 111 30.14 -21.44 8.10
N LEU B 112 30.77 -21.33 6.92
CA LEU B 112 32.16 -20.91 6.86
C LEU B 112 32.33 -19.44 7.22
N SER B 113 31.34 -18.60 6.93
CA SER B 113 31.46 -17.16 7.18
C SER B 113 31.06 -16.75 8.59
N GLY B 114 30.74 -17.71 9.45
CA GLY B 114 30.26 -17.37 10.78
C GLY B 114 28.83 -16.86 10.79
N ASN B 115 27.96 -17.49 10.01
CA ASN B 115 26.56 -17.06 9.84
C ASN B 115 26.50 -15.64 9.29
N ARG B 116 27.33 -15.38 8.27
CA ARG B 116 27.27 -14.11 7.52
C ARG B 116 27.23 -14.34 6.02
N PRO B 117 26.33 -15.21 5.52
CA PRO B 117 26.28 -15.41 4.06
C PRO B 117 25.75 -14.19 3.33
N LEU B 118 24.85 -13.42 3.95
CA LEU B 118 24.33 -12.23 3.29
C LEU B 118 25.44 -11.21 3.05
N THR B 119 26.26 -10.95 4.06
CA THR B 119 27.33 -9.96 3.92
C THR B 119 28.33 -10.39 2.86
N VAL B 120 28.87 -11.61 2.97
CA VAL B 120 29.96 -12.02 2.09
C VAL B 120 29.48 -12.21 0.66
N ILE B 121 28.23 -12.65 0.47
CA ILE B 121 27.72 -12.84 -0.88
C ILE B 121 27.40 -11.49 -1.53
N MET B 122 26.87 -10.56 -0.74
CA MET B 122 26.64 -9.20 -1.25
C MET B 122 27.95 -8.51 -1.57
N HIS B 123 28.93 -8.60 -0.67
CA HIS B 123 30.26 -8.06 -0.91
C HIS B 123 30.80 -8.58 -2.23
N THR B 124 31.03 -9.90 -2.30
CA THR B 124 31.55 -10.53 -3.52
C THR B 124 30.82 -10.05 -4.77
N ILE B 125 29.49 -10.02 -4.72
CA ILE B 125 28.71 -9.66 -5.91
C ILE B 125 28.93 -8.20 -6.29
N PHE B 126 29.04 -7.32 -5.29
CA PHE B 126 29.29 -5.91 -5.58
C PHE B 126 30.63 -5.72 -6.31
N GLN B 127 31.63 -6.55 -5.97
CA GLN B 127 32.88 -6.51 -6.71
C GLN B 127 32.71 -7.08 -8.12
N GLU B 128 32.15 -8.28 -8.21
CA GLU B 128 32.01 -8.97 -9.48
C GLU B 128 31.34 -8.08 -10.52
N ARG B 129 30.39 -7.25 -10.08
CA ARG B 129 29.69 -6.33 -10.96
C ARG B 129 30.25 -4.91 -10.90
N ASP B 130 31.25 -4.66 -10.04
CA ASP B 130 31.99 -3.41 -10.02
C ASP B 130 31.10 -2.24 -9.58
N LEU B 131 30.41 -2.42 -8.46
CA LEU B 131 29.46 -1.44 -7.95
C LEU B 131 30.04 -0.51 -6.89
N LEU B 132 31.07 -0.93 -6.16
CA LEU B 132 31.70 -0.06 -5.18
C LEU B 132 32.34 1.17 -5.83
N LYS B 133 32.59 1.13 -7.14
CA LYS B 133 33.13 2.26 -7.87
C LYS B 133 32.14 2.87 -8.86
N THR B 134 31.34 2.06 -9.54
CA THR B 134 30.30 2.60 -10.42
C THR B 134 29.40 3.57 -9.66
N PHE B 135 29.20 3.32 -8.37
CA PHE B 135 28.40 4.20 -7.52
C PHE B 135 29.17 4.75 -6.33
N LYS B 136 30.50 4.63 -6.33
CA LYS B 136 31.36 5.27 -5.33
C LYS B 136 30.93 4.92 -3.91
N ILE B 137 30.70 3.64 -3.68
CA ILE B 137 30.32 3.12 -2.37
C ILE B 137 31.60 2.81 -1.60
N PRO B 138 31.86 3.46 -0.47
CA PRO B 138 33.06 3.12 0.30
C PRO B 138 32.89 1.77 0.97
N VAL B 139 33.99 0.99 0.97
CA VAL B 139 33.89 -0.44 1.28
C VAL B 139 33.43 -0.66 2.72
N ASP B 140 33.91 0.18 3.66
CA ASP B 140 33.53 0.00 5.05
C ASP B 140 32.08 0.35 5.30
N THR B 141 31.53 1.27 4.50
CA THR B 141 30.11 1.60 4.61
C THR B 141 29.26 0.44 4.13
N LEU B 142 29.69 -0.25 3.07
CA LEU B 142 28.96 -1.43 2.62
C LEU B 142 28.93 -2.51 3.69
N ILE B 143 30.05 -2.71 4.39
CA ILE B 143 30.11 -3.78 5.38
C ILE B 143 29.25 -3.44 6.60
N THR B 144 29.33 -2.19 7.08
CA THR B 144 28.55 -1.79 8.24
C THR B 144 27.06 -1.96 7.99
N TYR B 145 26.60 -1.59 6.80
CA TYR B 145 25.18 -1.75 6.48
C TYR B 145 24.83 -3.23 6.35
N LEU B 146 25.61 -3.98 5.57
CA LEU B 146 25.33 -5.40 5.38
C LEU B 146 25.33 -6.16 6.70
N MET B 147 26.16 -5.75 7.65
CA MET B 147 26.17 -6.41 8.96
C MET B 147 24.93 -6.07 9.75
N THR B 148 24.56 -4.79 9.80
CA THR B 148 23.34 -4.39 10.50
C THR B 148 22.12 -5.00 9.83
N LEU B 149 22.10 -5.03 8.50
CA LEU B 149 20.98 -5.64 7.79
C LEU B 149 20.86 -7.12 8.09
N GLU B 150 21.98 -7.84 8.05
CA GLU B 150 21.97 -9.26 8.36
C GLU B 150 21.47 -9.51 9.78
N ASP B 151 21.81 -8.61 10.71
CA ASP B 151 21.39 -8.77 12.10
C ASP B 151 19.89 -8.65 12.25
N HIS B 152 19.22 -7.94 11.35
CA HIS B 152 17.78 -7.75 11.47
C HIS B 152 16.99 -8.87 10.81
N TYR B 153 17.65 -9.83 10.18
CA TYR B 153 17.03 -11.12 9.91
C TYR B 153 17.08 -11.98 11.16
N HIS B 154 16.02 -12.74 11.41
CA HIS B 154 15.86 -13.48 12.66
C HIS B 154 16.58 -14.82 12.56
N ALA B 155 17.50 -15.06 13.50
CA ALA B 155 18.25 -16.31 13.52
C ALA B 155 17.45 -17.49 14.09
N ASP B 156 16.31 -17.23 14.73
CA ASP B 156 15.45 -18.29 15.23
C ASP B 156 14.29 -18.61 14.29
N VAL B 157 14.39 -18.16 13.04
CA VAL B 157 13.40 -18.43 12.01
C VAL B 157 14.03 -19.36 10.99
N ALA B 158 13.35 -20.48 10.70
CA ALA B 158 14.00 -21.58 9.99
C ALA B 158 14.26 -21.26 8.52
N TYR B 159 13.31 -20.59 7.85
CA TYR B 159 13.46 -20.30 6.43
C TYR B 159 13.77 -18.83 6.17
N HIS B 160 12.89 -17.92 6.61
CA HIS B 160 13.01 -16.50 6.25
C HIS B 160 14.04 -15.82 7.14
N ASN B 161 15.29 -16.19 6.90
CA ASN B 161 16.43 -15.67 7.65
C ASN B 161 17.48 -15.14 6.67
N ASN B 162 18.70 -14.95 7.16
CA ASN B 162 19.75 -14.36 6.35
C ASN B 162 20.28 -15.30 5.27
N ILE B 163 20.10 -16.61 5.43
CA ILE B 163 20.54 -17.53 4.39
C ILE B 163 19.62 -17.43 3.17
N HIS B 164 18.31 -17.32 3.41
CA HIS B 164 17.38 -17.11 2.31
C HIS B 164 17.66 -15.78 1.61
N ALA B 165 17.95 -14.73 2.37
CA ALA B 165 18.30 -13.45 1.77
C ALA B 165 19.54 -13.56 0.91
N ALA B 166 20.60 -14.16 1.45
CA ALA B 166 21.81 -14.38 0.67
C ALA B 166 21.53 -15.20 -0.58
N ASP B 167 20.65 -16.19 -0.46
CA ASP B 167 20.35 -17.08 -1.58
C ASP B 167 19.58 -16.34 -2.68
N VAL B 168 18.65 -15.48 -2.30
CA VAL B 168 17.89 -14.72 -3.30
C VAL B 168 18.79 -13.68 -3.96
N VAL B 169 19.69 -13.07 -3.19
CA VAL B 169 20.67 -12.14 -3.75
C VAL B 169 21.49 -12.84 -4.84
N GLN B 170 22.09 -13.98 -4.50
CA GLN B 170 22.95 -14.67 -5.45
C GLN B 170 22.15 -15.17 -6.65
N SER B 171 20.91 -15.58 -6.43
CA SER B 171 20.09 -16.08 -7.54
C SER B 171 19.69 -14.95 -8.48
N THR B 172 19.29 -13.80 -7.92
CA THR B 172 19.02 -12.62 -8.75
C THR B 172 20.26 -12.22 -9.54
N HIS B 173 21.43 -12.27 -8.90
CA HIS B 173 22.69 -11.94 -9.55
C HIS B 173 22.93 -12.79 -10.79
N VAL B 174 22.48 -14.04 -10.78
CA VAL B 174 22.68 -14.91 -11.93
C VAL B 174 21.63 -14.64 -13.00
N LEU B 175 20.36 -14.50 -12.60
CA LEU B 175 19.31 -14.18 -13.55
C LEU B 175 19.57 -12.85 -14.26
N LEU B 176 20.35 -11.96 -13.66
CA LEU B 176 20.73 -10.72 -14.31
C LEU B 176 21.76 -10.92 -15.44
N SER B 177 22.23 -12.16 -15.66
CA SER B 177 23.25 -12.43 -16.66
C SER B 177 22.81 -13.43 -17.72
N THR B 178 21.58 -13.89 -17.67
CA THR B 178 20.97 -14.52 -18.82
C THR B 178 21.38 -13.77 -20.09
N PRO B 179 21.92 -14.46 -21.08
CA PRO B 179 22.27 -13.80 -22.36
C PRO B 179 21.11 -13.03 -22.99
N ALA B 180 19.87 -13.51 -22.89
CA ALA B 180 18.76 -12.84 -23.55
C ALA B 180 18.39 -11.52 -22.90
N LEU B 181 18.93 -11.22 -21.72
CA LEU B 181 18.71 -9.92 -21.10
C LEU B 181 19.83 -8.93 -21.31
N GLU B 182 20.91 -9.28 -21.98
CA GLU B 182 22.03 -8.37 -21.94
C GLU B 182 21.71 -7.09 -22.70
N ALA B 183 22.22 -5.97 -22.16
CA ALA B 183 21.92 -4.60 -22.60
C ALA B 183 20.51 -4.15 -22.24
N VAL B 184 19.77 -4.91 -21.43
CA VAL B 184 18.39 -4.54 -21.12
C VAL B 184 18.31 -3.64 -19.89
N PHE B 185 19.15 -3.86 -18.88
CA PHE B 185 19.06 -3.12 -17.63
C PHE B 185 20.29 -2.24 -17.43
N THR B 186 20.07 -1.01 -16.97
CA THR B 186 21.16 -0.12 -16.64
C THR B 186 21.78 -0.52 -15.30
N ASP B 187 22.88 0.16 -14.96
CA ASP B 187 23.59 -0.18 -13.72
C ASP B 187 22.75 0.15 -12.49
N LEU B 188 21.92 1.20 -12.55
CA LEU B 188 21.07 1.53 -11.42
C LEU B 188 19.97 0.50 -11.24
N GLU B 189 19.40 0.02 -12.35
CA GLU B 189 18.42 -1.05 -12.26
C GLU B 189 19.02 -2.34 -11.73
N ILE B 190 20.30 -2.59 -12.05
CA ILE B 190 20.98 -3.77 -11.53
C ILE B 190 21.22 -3.62 -10.03
N LEU B 191 21.68 -2.44 -9.59
CA LEU B 191 21.84 -2.20 -8.16
C LEU B 191 20.50 -2.29 -7.43
N ALA B 192 19.40 -1.93 -8.11
CA ALA B 192 18.09 -2.00 -7.49
C ALA B 192 17.69 -3.44 -7.20
N ALA B 193 17.71 -4.29 -8.23
CA ALA B 193 17.31 -5.69 -8.05
C ALA B 193 18.15 -6.39 -7.00
N ILE B 194 19.41 -5.98 -6.83
CA ILE B 194 20.30 -6.64 -5.89
C ILE B 194 20.04 -6.16 -4.47
N PHE B 195 19.99 -4.84 -4.27
CA PHE B 195 19.65 -4.29 -2.96
C PHE B 195 18.26 -4.74 -2.52
N ALA B 196 17.31 -4.77 -3.45
CA ALA B 196 15.97 -5.24 -3.13
C ALA B 196 16.00 -6.70 -2.68
N SER B 197 16.72 -7.55 -3.41
CA SER B 197 16.85 -8.94 -3.03
C SER B 197 17.42 -9.08 -1.62
N ALA B 198 18.33 -8.19 -1.24
CA ALA B 198 19.02 -8.32 0.04
C ALA B 198 18.11 -7.98 1.21
N ILE B 199 17.22 -7.00 1.03
CA ILE B 199 16.36 -6.54 2.11
C ILE B 199 14.97 -7.14 2.05
N HIS B 200 14.69 -8.01 1.08
CA HIS B 200 13.32 -8.32 0.71
C HIS B 200 12.55 -9.11 1.77
N ASP B 201 13.22 -9.69 2.76
CA ASP B 201 12.54 -10.39 3.84
C ASP B 201 13.03 -9.96 5.22
N VAL B 202 13.65 -8.78 5.32
CA VAL B 202 14.31 -8.42 6.56
C VAL B 202 13.28 -8.27 7.67
N ASP B 203 13.64 -8.74 8.87
CA ASP B 203 12.80 -8.72 10.05
C ASP B 203 11.55 -9.58 9.89
N HIS B 204 11.66 -10.65 9.11
CA HIS B 204 10.53 -11.57 8.93
C HIS B 204 10.29 -12.34 10.23
N PRO B 205 9.07 -12.32 10.77
CA PRO B 205 8.80 -13.04 12.03
C PRO B 205 8.57 -14.53 11.88
N GLY B 206 8.54 -15.05 10.66
CA GLY B 206 8.31 -16.47 10.43
C GLY B 206 6.86 -16.86 10.30
N VAL B 207 5.95 -15.91 10.12
CA VAL B 207 4.53 -16.19 9.93
C VAL B 207 4.04 -15.43 8.70
N SER B 208 2.90 -15.85 8.19
CA SER B 208 2.37 -15.32 6.94
C SER B 208 1.64 -13.99 7.17
N ASN B 209 1.40 -13.28 6.07
CA ASN B 209 0.57 -12.07 6.13
C ASN B 209 -0.80 -12.39 6.69
N GLN B 210 -1.40 -13.49 6.24
CA GLN B 210 -2.73 -13.85 6.72
C GLN B 210 -2.73 -14.12 8.21
N PHE B 211 -1.68 -14.75 8.72
CA PHE B 211 -1.55 -14.94 10.17
C PHE B 211 -1.49 -13.59 10.88
N LEU B 212 -0.69 -12.67 10.36
CA LEU B 212 -0.59 -11.34 10.95
C LEU B 212 -1.93 -10.62 10.91
N ILE B 213 -2.68 -10.79 9.82
CA ILE B 213 -3.99 -10.17 9.71
C ILE B 213 -4.97 -10.79 10.69
N ASN B 214 -5.07 -12.13 10.68
CA ASN B 214 -6.04 -12.82 11.53
C ASN B 214 -5.77 -12.64 13.01
N THR B 215 -4.56 -12.22 13.39
CA THR B 215 -4.18 -12.06 14.78
C THR B 215 -4.23 -10.62 15.25
N ASN B 216 -4.69 -9.70 14.40
CA ASN B 216 -4.73 -8.28 14.71
C ASN B 216 -3.37 -7.80 15.21
N SER B 217 -2.33 -8.21 14.48
CA SER B 217 -0.97 -7.84 14.82
C SER B 217 -0.77 -6.34 14.64
N GLU B 218 0.29 -5.84 15.26
CA GLU B 218 0.63 -4.43 15.08
C GLU B 218 1.07 -4.16 13.65
N LEU B 219 1.74 -5.12 13.02
CA LEU B 219 2.16 -4.97 11.63
C LEU B 219 0.95 -4.77 10.72
N ALA B 220 -0.06 -5.64 10.83
CA ALA B 220 -1.24 -5.52 9.99
C ALA B 220 -2.04 -4.27 10.32
N LEU B 221 -2.06 -3.86 11.60
CA LEU B 221 -2.67 -2.59 11.95
C LEU B 221 -1.95 -1.43 11.27
N MET B 222 -0.61 -1.48 11.25
CA MET B 222 0.17 -0.43 10.63
C MET B 222 -0.10 -0.34 9.13
N TYR B 223 -0.15 -1.49 8.44
CA TYR B 223 -0.14 -1.53 6.99
C TYR B 223 -1.49 -1.91 6.37
N ASN B 224 -2.56 -1.89 7.15
CA ASN B 224 -3.92 -2.00 6.62
C ASN B 224 -4.11 -3.26 5.78
N ASP B 225 -3.52 -4.36 6.26
CA ASP B 225 -3.72 -5.71 5.74
C ASP B 225 -3.18 -5.92 4.32
N SER B 226 -2.47 -4.95 3.75
CA SER B 226 -2.04 -5.01 2.36
C SER B 226 -0.52 -5.15 2.30
N SER B 227 -0.05 -6.28 1.77
CA SER B 227 1.38 -6.60 1.67
C SER B 227 2.10 -6.21 2.95
N VAL B 228 1.57 -6.71 4.07
CA VAL B 228 2.00 -6.25 5.39
C VAL B 228 3.49 -6.51 5.59
N LEU B 229 3.93 -7.74 5.35
CA LEU B 229 5.34 -8.08 5.53
C LEU B 229 6.21 -7.29 4.56
N GLU B 230 5.81 -7.22 3.29
CA GLU B 230 6.66 -6.63 2.26
C GLU B 230 6.87 -5.15 2.50
N ASN B 231 5.82 -4.44 2.93
CA ASN B 231 6.00 -3.04 3.32
C ASN B 231 6.96 -2.92 4.49
N HIS B 232 6.87 -3.84 5.45
CA HIS B 232 7.74 -3.79 6.62
C HIS B 232 9.19 -4.07 6.24
N HIS B 233 9.42 -5.08 5.40
CA HIS B 233 10.77 -5.35 4.91
C HIS B 233 11.39 -4.10 4.29
N LEU B 234 10.63 -3.41 3.45
CA LEU B 234 11.12 -2.19 2.83
C LEU B 234 11.42 -1.12 3.87
N ALA B 235 10.48 -0.88 4.78
CA ALA B 235 10.66 0.15 5.80
C ALA B 235 11.93 -0.09 6.60
N VAL B 236 12.15 -1.33 7.04
CA VAL B 236 13.36 -1.64 7.79
C VAL B 236 14.60 -1.50 6.91
N GLY B 237 14.54 -2.02 5.68
CA GLY B 237 15.71 -2.01 4.82
C GLY B 237 16.21 -0.61 4.53
N PHE B 238 15.29 0.33 4.27
CA PHE B 238 15.69 1.72 4.07
C PHE B 238 16.06 2.40 5.38
N LYS B 239 15.35 2.08 6.47
CA LYS B 239 15.61 2.70 7.75
C LYS B 239 17.05 2.46 8.20
N LEU B 240 17.57 1.25 7.99
CA LEU B 240 18.91 0.93 8.45
C LEU B 240 19.98 1.74 7.73
N LEU B 241 19.67 2.24 6.53
CA LEU B 241 20.60 3.11 5.84
C LEU B 241 20.96 4.34 6.67
N GLN B 242 20.04 4.78 7.52
CA GLN B 242 20.24 6.00 8.32
C GLN B 242 21.06 5.75 9.57
N GLU B 243 21.44 4.51 9.85
CA GLU B 243 22.36 4.26 10.94
C GLU B 243 23.76 4.75 10.57
N GLU B 244 24.62 4.84 11.59
CA GLU B 244 25.95 5.42 11.44
C GLU B 244 26.75 4.66 10.39
N ASN B 245 27.29 5.41 9.41
CA ASN B 245 28.16 4.85 8.36
C ASN B 245 27.48 3.74 7.57
N CYS B 246 26.16 3.80 7.44
CA CYS B 246 25.41 2.75 6.75
C CYS B 246 24.81 3.20 5.44
N ASP B 247 24.87 4.48 5.09
CA ASP B 247 24.27 4.98 3.85
C ASP B 247 25.22 4.65 2.69
N ILE B 248 25.07 3.43 2.17
CA ILE B 248 25.84 3.00 1.01
C ILE B 248 25.45 3.74 -0.25
N PHE B 249 24.42 4.58 -0.21
CA PHE B 249 23.95 5.35 -1.35
C PHE B 249 24.32 6.82 -1.24
N GLN B 250 25.24 7.17 -0.34
CA GLN B 250 25.50 8.57 -0.02
C GLN B 250 25.98 9.36 -1.22
N ASN B 251 26.61 8.70 -2.20
CA ASN B 251 27.20 9.39 -3.33
C ASN B 251 26.39 9.24 -4.60
N LEU B 252 25.26 8.52 -4.57
CA LEU B 252 24.29 8.62 -5.65
C LEU B 252 23.73 10.04 -5.69
N THR B 253 23.48 10.54 -6.89
CA THR B 253 22.81 11.81 -7.00
C THR B 253 21.41 11.72 -6.38
N LYS B 254 20.78 12.88 -6.20
CA LYS B 254 19.46 12.89 -5.57
C LYS B 254 18.43 12.18 -6.45
N LYS B 255 18.52 12.37 -7.77
CA LYS B 255 17.59 11.70 -8.67
C LYS B 255 17.88 10.22 -8.78
N GLN B 256 19.16 9.84 -8.75
CA GLN B 256 19.51 8.43 -8.71
C GLN B 256 18.94 7.75 -7.47
N ARG B 257 19.11 8.39 -6.30
CA ARG B 257 18.53 7.87 -5.06
C ARG B 257 17.02 7.71 -5.20
N GLN B 258 16.36 8.74 -5.72
CA GLN B 258 14.91 8.71 -5.86
C GLN B 258 14.46 7.63 -6.82
N SER B 259 15.17 7.45 -7.93
CA SER B 259 14.83 6.38 -8.87
C SER B 259 15.09 5.01 -8.27
N LEU B 260 16.21 4.85 -7.57
CA LEU B 260 16.53 3.58 -6.93
C LEU B 260 15.48 3.21 -5.90
N ARG B 261 15.11 4.16 -5.03
CA ARG B 261 14.12 3.89 -4.00
C ARG B 261 12.81 3.42 -4.61
N LYS B 262 12.36 4.07 -5.69
CA LYS B 262 11.11 3.65 -6.33
C LYS B 262 11.20 2.24 -6.88
N MET B 263 12.31 1.91 -7.55
CA MET B 263 12.44 0.59 -8.14
C MET B 263 12.52 -0.49 -7.06
N VAL B 264 13.24 -0.23 -5.98
CA VAL B 264 13.35 -1.20 -4.89
C VAL B 264 11.97 -1.47 -4.29
N ILE B 265 11.20 -0.40 -4.05
CA ILE B 265 9.85 -0.55 -3.52
C ILE B 265 9.00 -1.38 -4.47
N ASP B 266 9.05 -1.06 -5.77
CA ASP B 266 8.26 -1.80 -6.75
C ASP B 266 8.64 -3.27 -6.78
N ILE B 267 9.93 -3.58 -6.61
CA ILE B 267 10.37 -4.96 -6.68
C ILE B 267 9.94 -5.74 -5.45
N VAL B 268 10.23 -5.21 -4.26
CA VAL B 268 9.95 -5.94 -3.03
C VAL B 268 8.45 -6.12 -2.83
N LEU B 269 7.66 -5.11 -3.17
CA LEU B 269 6.20 -5.27 -3.09
C LEU B 269 5.72 -6.41 -3.97
N ALA B 270 6.40 -6.67 -5.08
CA ALA B 270 6.00 -7.74 -5.99
C ALA B 270 6.40 -9.12 -5.51
N THR B 271 7.18 -9.23 -4.43
CA THR B 271 7.48 -10.55 -3.88
C THR B 271 6.32 -11.13 -3.08
N ASP B 272 5.32 -10.32 -2.76
CA ASP B 272 4.09 -10.80 -2.12
C ASP B 272 3.44 -11.87 -3.00
N MET B 273 3.28 -13.07 -2.44
CA MET B 273 2.74 -14.18 -3.22
C MET B 273 1.30 -13.93 -3.65
N SER B 274 0.57 -13.06 -2.92
CA SER B 274 -0.79 -12.74 -3.33
C SER B 274 -0.84 -12.01 -4.67
N LYS B 275 0.30 -11.55 -5.18
CA LYS B 275 0.39 -10.91 -6.48
C LYS B 275 1.00 -11.81 -7.54
N HIS B 276 1.19 -13.11 -7.23
CA HIS B 276 1.86 -14.00 -8.16
C HIS B 276 1.12 -14.11 -9.49
N MET B 277 -0.21 -14.24 -9.43
CA MET B 277 -0.97 -14.53 -10.64
C MET B 277 -0.96 -13.35 -11.62
N ASN B 278 -1.27 -12.14 -11.13
CA ASN B 278 -1.15 -10.95 -11.97
C ASN B 278 0.22 -10.86 -12.60
N LEU B 279 1.26 -11.01 -11.76
CA LEU B 279 2.64 -10.86 -12.22
C LEU B 279 2.99 -11.87 -13.30
N LEU B 280 2.45 -13.09 -13.18
CA LEU B 280 2.70 -14.13 -14.18
C LEU B 280 1.91 -13.86 -15.45
N ALA B 281 0.67 -13.39 -15.31
CA ALA B 281 -0.12 -13.02 -16.49
C ALA B 281 0.60 -11.96 -17.31
N ASP B 282 1.18 -10.97 -16.65
CA ASP B 282 1.91 -9.92 -17.37
C ASP B 282 3.18 -10.48 -18.02
N LEU B 283 3.89 -11.38 -17.31
CA LEU B 283 5.06 -12.01 -17.89
C LEU B 283 4.68 -12.84 -19.12
N LYS B 284 3.49 -13.46 -19.10
CA LYS B 284 3.02 -14.19 -20.27
C LYS B 284 2.70 -13.25 -21.43
N THR B 285 2.01 -12.15 -21.14
CA THR B 285 1.71 -11.15 -22.16
C THR B 285 2.99 -10.64 -22.81
N MET B 286 3.99 -10.32 -21.98
CA MET B 286 5.29 -9.91 -22.52
C MET B 286 5.92 -11.01 -23.35
N VAL B 287 5.58 -12.27 -23.08
CA VAL B 287 6.11 -13.37 -23.88
C VAL B 287 5.41 -13.45 -25.22
N GLU B 288 4.09 -13.29 -25.25
CA GLU B 288 3.36 -13.34 -26.51
C GLU B 288 3.74 -12.17 -27.42
N THR B 289 3.64 -10.94 -26.89
CA THR B 289 4.03 -9.75 -27.63
C THR B 289 5.53 -9.47 -27.55
N LYS B 290 6.31 -10.47 -27.17
CA LYS B 290 7.76 -10.34 -27.07
C LYS B 290 8.36 -9.80 -28.34
N LYS B 291 9.35 -8.91 -28.19
CA LYS B 291 10.13 -8.39 -29.30
C LYS B 291 11.61 -8.60 -29.00
N VAL B 292 12.36 -8.87 -30.05
CA VAL B 292 13.70 -9.42 -29.89
C VAL B 292 14.53 -9.08 -31.12
N THR B 293 15.81 -8.84 -30.90
CA THR B 293 16.75 -8.80 -32.02
C THR B 293 16.79 -10.17 -32.69
N SER B 294 17.14 -10.19 -33.98
CA SER B 294 17.32 -11.48 -34.64
C SER B 294 18.41 -12.30 -33.94
N SER B 295 19.31 -11.62 -33.22
CA SER B 295 20.38 -12.22 -32.43
C SER B 295 19.96 -12.53 -31.00
N GLY B 296 18.75 -13.04 -30.78
CA GLY B 296 18.36 -13.57 -29.49
C GLY B 296 17.94 -12.57 -28.42
N VAL B 297 18.56 -11.39 -28.39
CA VAL B 297 18.44 -10.50 -27.24
C VAL B 297 17.10 -9.77 -27.27
N LEU B 298 16.52 -9.58 -26.08
CA LEU B 298 15.17 -9.04 -25.89
C LEU B 298 15.20 -7.51 -25.75
N LEU B 299 14.16 -6.85 -26.27
CA LEU B 299 14.10 -5.40 -26.33
C LEU B 299 12.94 -4.90 -25.47
N LEU B 300 13.26 -4.26 -24.34
CA LEU B 300 12.30 -3.58 -23.49
C LEU B 300 12.56 -2.08 -23.56
N ASP B 301 11.52 -1.30 -23.80
CA ASP B 301 11.69 0.14 -23.99
C ASP B 301 11.14 0.99 -22.87
N ASN B 302 9.92 0.72 -22.40
CA ASN B 302 9.30 1.54 -21.37
C ASN B 302 9.55 0.95 -19.99
N TYR B 303 9.67 1.86 -19.00
CA TYR B 303 9.90 1.44 -17.62
C TYR B 303 8.91 0.39 -17.17
N SER B 304 7.65 0.49 -17.63
CA SER B 304 6.62 -0.43 -17.19
C SER B 304 6.99 -1.88 -17.50
N ASP B 305 7.40 -2.14 -18.74
CA ASP B 305 7.81 -3.49 -19.10
C ASP B 305 9.04 -3.94 -18.32
N ARG B 306 10.01 -3.03 -18.15
CA ARG B 306 11.29 -3.40 -17.56
C ARG B 306 11.15 -3.74 -16.09
N ILE B 307 10.55 -2.84 -15.29
CA ILE B 307 10.34 -3.12 -13.88
C ILE B 307 9.51 -4.39 -13.71
N GLN B 308 8.63 -4.69 -14.68
CA GLN B 308 7.86 -5.92 -14.65
C GLN B 308 8.77 -7.14 -14.80
N VAL B 309 9.82 -7.03 -15.60
CA VAL B 309 10.79 -8.11 -15.70
C VAL B 309 11.59 -8.24 -14.43
N LEU B 310 12.01 -7.11 -13.85
CA LEU B 310 12.79 -7.15 -12.61
C LEU B 310 11.95 -7.68 -11.44
N GLN B 311 10.66 -7.37 -11.42
CA GLN B 311 9.79 -7.94 -10.39
C GLN B 311 9.70 -9.45 -10.53
N ASN B 312 9.40 -9.92 -11.75
CA ASN B 312 9.34 -11.37 -11.97
C ASN B 312 10.70 -12.03 -11.78
N MET B 313 11.79 -11.29 -11.98
CA MET B 313 13.12 -11.87 -11.80
C MET B 313 13.40 -12.15 -10.33
N VAL B 314 13.21 -11.15 -9.46
CA VAL B 314 13.40 -11.38 -8.04
C VAL B 314 12.34 -12.33 -7.51
N HIS B 315 11.14 -12.30 -8.09
CA HIS B 315 10.13 -13.30 -7.77
C HIS B 315 10.62 -14.70 -8.12
N CYS B 316 11.27 -14.85 -9.28
CA CYS B 316 11.94 -16.10 -9.62
C CYS B 316 12.91 -16.53 -8.54
N ALA B 317 13.86 -15.65 -8.21
CA ALA B 317 14.91 -15.99 -7.25
C ALA B 317 14.33 -16.28 -5.88
N ASP B 318 13.19 -15.67 -5.54
CA ASP B 318 12.50 -16.01 -4.30
C ASP B 318 11.91 -17.41 -4.37
N LEU B 319 11.46 -17.84 -5.54
CA LEU B 319 10.89 -19.16 -5.76
C LEU B 319 11.83 -20.06 -6.55
N SER B 320 13.11 -20.02 -6.22
CA SER B 320 14.13 -20.75 -6.96
C SER B 320 14.64 -21.99 -6.23
N ASN B 321 14.16 -22.26 -5.02
CA ASN B 321 14.58 -23.46 -4.30
C ASN B 321 14.37 -24.74 -5.09
N PRO B 322 13.20 -25.00 -5.69
CA PRO B 322 13.03 -26.26 -6.44
C PRO B 322 13.81 -26.32 -7.75
N THR B 323 14.51 -25.26 -8.14
CA THR B 323 15.32 -25.27 -9.35
C THR B 323 16.81 -25.48 -9.06
N LYS B 324 17.19 -25.51 -7.79
CA LYS B 324 18.58 -25.73 -7.39
C LYS B 324 18.84 -27.23 -7.29
N PRO B 325 20.11 -27.64 -7.18
CA PRO B 325 20.41 -29.07 -6.99
C PRO B 325 19.71 -29.63 -5.75
N LEU B 326 19.41 -30.94 -5.82
CA LEU B 326 18.47 -31.55 -4.88
C LEU B 326 18.89 -31.38 -3.43
N GLN B 327 20.19 -31.52 -3.14
CA GLN B 327 20.62 -31.42 -1.74
C GLN B 327 20.38 -30.02 -1.18
N LEU B 328 20.45 -28.99 -2.03
CA LEU B 328 20.06 -27.65 -1.59
C LEU B 328 18.56 -27.56 -1.39
N TYR B 329 17.79 -27.99 -2.39
CA TYR B 329 16.34 -27.91 -2.37
C TYR B 329 15.76 -28.61 -1.13
N ARG B 330 16.29 -29.79 -0.78
CA ARG B 330 15.73 -30.54 0.33
C ARG B 330 15.95 -29.83 1.65
N GLN B 331 17.09 -29.15 1.81
CA GLN B 331 17.30 -28.35 3.02
C GLN B 331 16.32 -27.18 3.08
N TRP B 332 16.08 -26.52 1.96
CA TRP B 332 15.09 -25.45 1.92
C TRP B 332 13.70 -25.98 2.28
N THR B 333 13.35 -27.17 1.77
CA THR B 333 12.06 -27.76 2.09
C THR B 333 11.94 -28.05 3.58
N ASP B 334 12.99 -28.62 4.18
CA ASP B 334 12.99 -28.85 5.62
C ASP B 334 12.74 -27.56 6.37
N ARG B 335 13.35 -26.46 5.92
CA ARG B 335 13.28 -25.21 6.67
C ARG B 335 11.91 -24.54 6.54
N ILE B 336 11.34 -24.54 5.34
CA ILE B 336 10.03 -23.92 5.18
C ILE B 336 8.95 -24.74 5.88
N MET B 337 9.11 -26.08 5.91
CA MET B 337 8.13 -26.90 6.61
C MET B 337 8.24 -26.72 8.12
N GLU B 338 9.45 -26.54 8.63
CA GLU B 338 9.62 -26.23 10.04
C GLU B 338 8.94 -24.91 10.39
N GLU B 339 9.02 -23.94 9.47
CA GLU B 339 8.37 -22.65 9.71
C GLU B 339 6.86 -22.77 9.62
N PHE B 340 6.36 -23.52 8.62
CA PHE B 340 4.92 -23.74 8.51
C PHE B 340 4.37 -24.43 9.73
N PHE B 341 5.04 -25.50 10.18
CA PHE B 341 4.56 -26.27 11.31
C PHE B 341 4.56 -25.43 12.59
N ARG B 342 5.59 -24.60 12.76
CA ARG B 342 5.63 -23.76 13.96
C ARG B 342 4.55 -22.68 13.92
N GLN B 343 4.15 -22.24 12.72
CA GLN B 343 3.00 -21.34 12.64
C GLN B 343 1.71 -22.09 12.94
N GLY B 344 1.53 -23.28 12.36
CA GLY B 344 0.37 -24.08 12.69
C GLY B 344 0.26 -24.41 14.16
N ASP B 345 1.40 -24.53 14.84
CA ASP B 345 1.37 -24.77 16.28
C ASP B 345 0.91 -23.55 17.05
N ARG B 346 1.25 -22.34 16.57
CA ARG B 346 0.72 -21.14 17.18
C ARG B 346 -0.75 -20.96 16.84
N GLU B 347 -1.15 -21.34 15.62
CA GLU B 347 -2.57 -21.33 15.28
C GLU B 347 -3.34 -22.33 16.14
N ARG B 348 -2.70 -23.44 16.53
CA ARG B 348 -3.36 -24.43 17.38
C ARG B 348 -3.43 -23.96 18.82
N GLU B 349 -2.31 -23.50 19.38
CA GLU B 349 -2.29 -23.06 20.77
C GLU B 349 -3.25 -21.89 20.99
N ARG B 350 -3.26 -20.92 20.05
CA ARG B 350 -4.20 -19.82 20.12
C ARG B 350 -5.60 -20.23 19.71
N GLY B 351 -5.76 -21.45 19.23
CA GLY B 351 -7.07 -21.93 18.86
C GLY B 351 -7.69 -21.25 17.66
N MET B 352 -6.93 -21.12 16.58
CA MET B 352 -7.52 -20.76 15.30
C MET B 352 -7.20 -21.83 14.28
N GLU B 353 -7.93 -21.74 13.17
CA GLU B 353 -7.78 -22.65 12.05
C GLU B 353 -6.32 -22.84 11.67
N ILE B 354 -5.96 -24.08 11.35
CA ILE B 354 -4.61 -24.38 10.89
C ILE B 354 -4.52 -24.06 9.41
N SER B 355 -3.62 -23.14 9.05
CA SER B 355 -3.46 -22.75 7.66
C SER B 355 -3.04 -23.95 6.83
N PRO B 356 -3.32 -23.93 5.52
CA PRO B 356 -2.91 -25.04 4.65
C PRO B 356 -1.45 -25.41 4.84
N MET B 357 -1.18 -26.72 4.83
CA MET B 357 0.15 -27.31 4.90
C MET B 357 0.91 -26.98 6.19
N CYS B 358 0.22 -26.42 7.18
CA CYS B 358 0.86 -26.06 8.45
C CYS B 358 0.51 -27.02 9.58
N ASP B 359 -0.22 -28.09 9.29
CA ASP B 359 -0.66 -29.07 10.28
C ASP B 359 0.35 -30.22 10.29
N LYS B 360 1.22 -30.25 11.30
CA LYS B 360 2.23 -31.29 11.37
C LYS B 360 1.63 -32.67 11.58
N HIS B 361 0.40 -32.76 12.07
CA HIS B 361 -0.27 -34.04 12.25
C HIS B 361 -1.02 -34.51 11.01
N ASN B 362 -0.99 -33.74 9.92
CA ASN B 362 -1.76 -34.09 8.72
C ASN B 362 -1.13 -33.43 7.49
N ALA B 363 0.19 -33.38 7.45
CA ALA B 363 0.92 -32.76 6.33
C ALA B 363 1.57 -33.83 5.47
N SER B 364 1.48 -33.65 4.17
CA SER B 364 2.14 -34.50 3.19
C SER B 364 3.20 -33.63 2.52
N VAL B 365 4.42 -33.66 3.08
CA VAL B 365 5.48 -32.75 2.64
C VAL B 365 5.79 -32.94 1.15
N GLU B 366 5.83 -34.20 0.70
CA GLU B 366 6.25 -34.48 -0.67
C GLU B 366 5.15 -34.18 -1.68
N LYS B 367 3.89 -34.49 -1.34
CA LYS B 367 2.79 -34.12 -2.22
C LYS B 367 2.62 -32.61 -2.29
N SER B 368 2.95 -31.90 -1.21
CA SER B 368 2.89 -30.44 -1.23
C SER B 368 3.95 -29.86 -2.15
N GLN B 369 5.19 -30.36 -2.06
CA GLN B 369 6.26 -29.87 -2.91
C GLN B 369 5.92 -30.06 -4.39
N VAL B 370 5.38 -31.22 -4.76
CA VAL B 370 5.09 -31.46 -6.16
C VAL B 370 3.88 -30.62 -6.61
N GLY B 371 2.96 -30.31 -5.69
CA GLY B 371 1.90 -29.38 -6.03
C GLY B 371 2.40 -27.95 -6.13
N PHE B 372 3.29 -27.55 -5.22
CA PHE B 372 3.95 -26.26 -5.30
C PHE B 372 4.64 -26.08 -6.66
N ILE B 373 5.27 -27.14 -7.16
CA ILE B 373 5.95 -27.07 -8.45
C ILE B 373 4.94 -27.01 -9.58
N ASP B 374 3.92 -27.88 -9.54
CA ASP B 374 2.99 -27.99 -10.66
C ASP B 374 2.17 -26.71 -10.84
N TYR B 375 1.80 -26.05 -9.73
CA TYR B 375 0.85 -24.96 -9.80
C TYR B 375 1.48 -23.58 -9.68
N ILE B 376 2.71 -23.48 -9.18
CA ILE B 376 3.31 -22.17 -8.97
C ILE B 376 4.69 -22.09 -9.64
N VAL B 377 5.60 -22.99 -9.24
CA VAL B 377 7.01 -22.81 -9.58
C VAL B 377 7.27 -23.12 -11.05
N HIS B 378 6.66 -24.19 -11.57
CA HIS B 378 6.94 -24.55 -12.95
C HIS B 378 6.20 -23.64 -13.95
N PRO B 379 4.90 -23.36 -13.78
CA PRO B 379 4.26 -22.37 -14.67
C PRO B 379 5.03 -21.06 -14.70
N LEU B 380 5.59 -20.67 -13.56
CA LEU B 380 6.38 -19.45 -13.48
C LEU B 380 7.69 -19.59 -14.25
N TRP B 381 8.49 -20.60 -13.91
CA TRP B 381 9.80 -20.77 -14.52
C TRP B 381 9.71 -21.19 -15.98
N GLU B 382 8.61 -21.80 -16.40
CA GLU B 382 8.45 -22.10 -17.83
C GLU B 382 8.10 -20.85 -18.62
N THR B 383 7.29 -19.96 -18.04
CA THR B 383 7.03 -18.68 -18.68
C THR B 383 8.30 -17.84 -18.75
N TRP B 384 9.10 -17.85 -17.68
CA TRP B 384 10.36 -17.12 -17.69
C TRP B 384 11.35 -17.72 -18.68
N ALA B 385 11.36 -19.06 -18.78
CA ALA B 385 12.24 -19.70 -19.76
C ALA B 385 11.84 -19.32 -21.18
N ASP B 386 10.54 -19.20 -21.44
CA ASP B 386 10.09 -18.71 -22.73
C ASP B 386 10.60 -17.30 -23.00
N LEU B 387 10.54 -16.42 -21.99
CA LEU B 387 10.97 -15.04 -22.17
C LEU B 387 12.45 -14.97 -22.56
N VAL B 388 13.28 -15.83 -21.98
CA VAL B 388 14.71 -15.79 -22.22
C VAL B 388 15.13 -17.03 -23.01
N HIS B 389 14.23 -17.52 -23.85
CA HIS B 389 14.47 -18.70 -24.68
C HIS B 389 15.81 -18.65 -25.41
N PRO B 390 16.70 -19.61 -25.13
CA PRO B 390 16.57 -20.64 -24.09
C PRO B 390 17.71 -20.66 -23.06
N ASP B 391 18.09 -19.52 -22.49
CA ASP B 391 19.17 -19.56 -21.51
C ASP B 391 18.73 -20.13 -20.17
N ALA B 392 17.44 -20.43 -20.01
CA ALA B 392 16.94 -20.96 -18.75
C ALA B 392 16.84 -22.48 -18.73
N GLN B 393 17.29 -23.15 -19.80
CA GLN B 393 17.04 -24.57 -19.95
C GLN B 393 17.66 -25.37 -18.81
N ASP B 394 18.91 -25.07 -18.46
CA ASP B 394 19.56 -25.79 -17.36
C ASP B 394 18.77 -25.68 -16.06
N ILE B 395 18.06 -24.57 -15.88
CA ILE B 395 17.27 -24.37 -14.66
C ILE B 395 15.92 -25.07 -14.76
N LEU B 396 15.24 -24.93 -15.90
CA LEU B 396 13.98 -25.64 -16.10
C LEU B 396 14.19 -27.15 -16.11
N ASP B 397 15.37 -27.61 -16.53
CA ASP B 397 15.70 -29.03 -16.47
C ASP B 397 15.75 -29.50 -15.02
N THR B 398 16.60 -28.86 -14.21
CA THR B 398 16.76 -29.26 -12.82
C THR B 398 15.43 -29.26 -12.08
N LEU B 399 14.59 -28.26 -12.36
CA LEU B 399 13.27 -28.20 -11.74
C LEU B 399 12.45 -29.45 -12.06
N GLU B 400 12.41 -29.84 -13.33
CA GLU B 400 11.67 -31.04 -13.71
C GLU B 400 12.31 -32.30 -13.15
N ASP B 401 13.64 -32.31 -12.99
CA ASP B 401 14.29 -33.43 -12.31
C ASP B 401 13.84 -33.52 -10.85
N ASN B 402 13.92 -32.40 -10.13
CA ASN B 402 13.57 -32.40 -8.72
C ASN B 402 12.09 -32.70 -8.51
N ARG B 403 11.24 -32.32 -9.47
CA ARG B 403 9.83 -32.68 -9.39
C ARG B 403 9.65 -34.18 -9.58
N GLU B 404 10.42 -34.79 -10.49
CA GLU B 404 10.35 -36.23 -10.67
C GLU B 404 10.82 -36.97 -9.43
N TRP B 405 11.88 -36.46 -8.78
CA TRP B 405 12.39 -37.13 -7.59
C TRP B 405 11.38 -37.07 -6.45
N TYR B 406 10.83 -35.88 -6.18
CA TYR B 406 9.86 -35.75 -5.10
C TYR B 406 8.62 -36.61 -5.37
N GLN B 407 8.20 -36.69 -6.63
CA GLN B 407 7.09 -37.57 -6.97
C GLN B 407 7.44 -39.03 -6.68
N SER B 408 8.70 -39.40 -6.91
CA SER B 408 9.10 -40.78 -6.66
C SER B 408 9.13 -41.12 -5.17
N THR B 409 9.23 -40.11 -4.30
CA THR B 409 9.15 -40.35 -2.86
C THR B 409 7.73 -40.64 -2.39
N ILE B 410 6.74 -40.54 -3.26
CA ILE B 410 5.35 -40.80 -2.93
C ILE B 410 5.01 -42.21 -3.40
N PRO B 411 4.64 -43.13 -2.49
CA PRO B 411 4.31 -44.52 -2.85
C PRO B 411 3.15 -44.62 -3.84
#